data_9HQM
#
_entry.id   9HQM
#
_cell.length_a   131.610
_cell.length_b   131.610
_cell.length_c   126.160
_cell.angle_alpha   90.00
_cell.angle_beta   90.00
_cell.angle_gamma   90.00
#
_symmetry.space_group_name_H-M   'P 43 21 2'
#
loop_
_entity.id
_entity.type
_entity.pdbx_description
1 polymer '(+)-T-muurolol synthase ((2E,6E)-farnesyl diphosphate cyclizing)'
2 non-polymer 'MAGNESIUM ION'
3 non-polymer 'S-[(2E,6E)-3,7,11-TRIMETHYLDODECA-2,6,10-TRIENYL] TRIHYDROGEN THIODIPHOSPHATE'
4 non-polymer GLYCEROL
5 non-polymer 'CARBONATE ION'
6 non-polymer 'SULFATE ION'
7 non-polymer 1,2-ETHANEDIOL
8 water water
#
_entity_poly.entity_id   1
_entity_poly.type   'polypeptide(L)'
_entity_poly.pdbx_seq_one_letter_code
;SDQDYRARLVYPFSGAISPHADIVDQATLAWAAMFGLLTDSLRHKSRRLQYGLLAARAYPRADREMLQIAADWIAWLFFM
DDQCDETGIGRDLQRMIALHERFLAILDGATPEAHDCALTYALADLRRRLALRAPDNWLRRFSEHVRLYFTANRWETVNR
QRGATPNVATYCAARLFSGAVYACFDLIELAEQIELPFYARHHSIVQQLEQAANNIICWCNDVLSYPKEMQHGDRHNLVL
VIQGEHQCSLPEAIDRALDLHAREVATFVRKRTCVPYFDAAVNTALEKYVTGLQFWICANRDWSLTATRYA
;
_entity_poly.pdbx_strand_id   A,B
#
loop_
_chem_comp.id
_chem_comp.type
_chem_comp.name
_chem_comp.formula
CO3 non-polymer 'CARBONATE ION' 'C O3 -2'
EDO non-polymer 1,2-ETHANEDIOL 'C2 H6 O2'
FPS non-polymer 'S-[(2E,6E)-3,7,11-TRIMETHYLDODECA-2,6,10-TRIENYL] TRIHYDROGEN THIODIPHOSPHATE' 'C15 H28 O6 P2 S'
GOL non-polymer GLYCEROL 'C3 H8 O3'
MG non-polymer 'MAGNESIUM ION' 'Mg 2'
SO4 non-polymer 'SULFATE ION' 'O4 S -2'
#
# COMPACT_ATOMS: atom_id res chain seq x y z
N ASP A 4 17.66 34.76 8.68
CA ASP A 4 16.28 34.19 8.58
C ASP A 4 16.34 32.88 7.78
N TYR A 5 16.09 31.74 8.45
CA TYR A 5 16.29 30.37 7.90
C TYR A 5 15.03 29.89 7.16
N ARG A 6 13.88 30.52 7.41
CA ARG A 6 12.57 30.13 6.80
C ARG A 6 12.55 30.45 5.31
N ALA A 7 13.43 31.34 4.85
CA ALA A 7 13.56 31.77 3.44
C ALA A 7 14.14 30.65 2.57
N ARG A 8 14.63 29.56 3.19
CA ARG A 8 15.24 28.40 2.50
C ARG A 8 14.17 27.38 2.09
N LEU A 9 12.96 27.49 2.66
CA LEU A 9 11.79 26.66 2.29
C LEU A 9 11.24 27.15 0.94
N VAL A 10 11.92 26.78 -0.15
CA VAL A 10 11.62 27.25 -1.54
C VAL A 10 11.48 26.04 -2.46
N TYR A 11 10.74 26.21 -3.57
CA TYR A 11 10.48 25.16 -4.59
C TYR A 11 10.62 25.76 -5.99
N PRO A 12 11.01 24.95 -7.01
CA PRO A 12 11.12 25.43 -8.38
C PRO A 12 9.78 25.48 -9.14
N PHE A 13 8.67 25.37 -8.41
CA PHE A 13 7.28 25.46 -8.94
C PHE A 13 6.43 26.32 -8.00
N SER A 14 5.28 26.81 -8.49
CA SER A 14 4.31 27.67 -7.76
C SER A 14 3.03 26.88 -7.48
N GLY A 15 2.23 27.37 -6.53
CA GLY A 15 0.91 26.80 -6.16
C GLY A 15 -0.22 27.69 -6.63
N ALA A 16 -1.46 27.31 -6.30
CA ALA A 16 -2.71 28.06 -6.59
C ALA A 16 -3.69 27.88 -5.44
N ILE A 17 -4.71 28.74 -5.38
CA ILE A 17 -5.79 28.73 -4.33
C ILE A 17 -7.15 28.78 -5.03
N SER A 18 -8.13 28.03 -4.51
CA SER A 18 -9.52 27.99 -5.04
C SER A 18 -10.18 29.35 -4.84
N PRO A 19 -11.01 29.82 -5.80
CA PRO A 19 -11.77 31.07 -5.62
C PRO A 19 -12.85 31.00 -4.53
N HIS A 20 -13.13 29.79 -4.00
CA HIS A 20 -14.14 29.54 -2.93
C HIS A 20 -13.50 29.59 -1.54
N ALA A 21 -12.21 29.94 -1.45
CA ALA A 21 -11.36 29.85 -0.24
C ALA A 21 -12.11 30.32 1.02
N ASP A 22 -12.59 31.56 1.03
CA ASP A 22 -13.18 32.23 2.23
C ASP A 22 -14.55 31.61 2.56
N ILE A 23 -15.37 31.37 1.54
CA ILE A 23 -16.74 30.77 1.66
C ILE A 23 -16.61 29.37 2.28
N VAL A 24 -15.57 28.62 1.89
CA VAL A 24 -15.27 27.24 2.36
C VAL A 24 -14.78 27.30 3.82
N ASP A 25 -13.93 28.27 4.14
CA ASP A 25 -13.30 28.44 5.49
C ASP A 25 -14.37 28.78 6.52
N GLN A 26 -15.34 29.63 6.14
CA GLN A 26 -16.45 30.07 7.02
C GLN A 26 -17.43 28.90 7.24
N ALA A 27 -17.57 28.02 6.24
CA ALA A 27 -18.43 26.81 6.28
C ALA A 27 -17.80 25.73 7.16
N THR A 28 -16.46 25.69 7.21
CA THR A 28 -15.67 24.75 8.07
C THR A 28 -15.86 25.15 9.54
N LEU A 29 -15.97 26.45 9.82
CA LEU A 29 -16.18 27.00 11.19
C LEU A 29 -17.59 26.62 11.67
N ALA A 30 -18.59 26.78 10.79
CA ALA A 30 -20.00 26.38 11.01
C ALA A 30 -20.07 24.87 11.27
N TRP A 31 -19.31 24.08 10.50
CA TRP A 31 -19.23 22.60 10.61
C TRP A 31 -18.61 22.20 11.94
N ALA A 32 -17.48 22.82 12.31
CA ALA A 32 -16.76 22.59 13.59
C ALA A 32 -17.68 22.92 14.78
N ALA A 33 -18.42 24.03 14.67
CA ALA A 33 -19.41 24.49 15.69
C ALA A 33 -20.56 23.48 15.81
N MET A 34 -21.06 22.98 14.68
CA MET A 34 -22.23 22.06 14.61
C MET A 34 -21.95 20.77 15.39
N PHE A 35 -20.77 20.17 15.21
CA PHE A 35 -20.36 18.88 15.80
C PHE A 35 -19.63 19.11 17.14
N GLY A 36 -19.52 20.36 17.57
CA GLY A 36 -19.00 20.75 18.89
C GLY A 36 -17.51 20.47 19.04
N LEU A 37 -16.71 20.88 18.06
CA LEU A 37 -15.22 20.71 18.04
C LEU A 37 -14.54 21.98 18.57
N LEU A 38 -15.25 23.12 18.57
CA LEU A 38 -14.77 24.41 19.14
C LEU A 38 -14.97 24.38 20.67
N THR A 39 -13.92 24.64 21.44
CA THR A 39 -13.91 24.58 22.93
C THR A 39 -13.19 25.79 23.53
N ASP A 40 -11.85 25.81 23.47
CA ASP A 40 -11.00 26.79 24.20
C ASP A 40 -10.89 28.09 23.41
N SER A 41 -10.81 29.22 24.12
CA SER A 41 -10.66 30.60 23.57
C SER A 41 -11.92 31.00 22.79
N SER A 46 -9.92 31.40 19.01
CA SER A 46 -10.56 30.66 17.89
C SER A 46 -11.12 31.64 16.85
N ARG A 47 -10.43 32.77 16.62
CA ARG A 47 -10.79 33.79 15.60
C ARG A 47 -10.15 33.40 14.27
N ARG A 48 -8.89 32.98 14.30
CA ARG A 48 -8.06 32.65 13.10
C ARG A 48 -7.50 31.23 13.21
N LEU A 49 -8.25 30.25 12.71
CA LEU A 49 -7.80 28.85 12.45
C LEU A 49 -7.44 28.74 10.97
N GLN A 50 -8.37 29.15 10.09
CA GLN A 50 -8.18 29.28 8.63
C GLN A 50 -7.79 27.92 8.03
N TYR A 51 -8.38 26.83 8.53
CA TYR A 51 -8.11 25.44 8.07
C TYR A 51 -8.67 25.25 6.65
N GLY A 52 -9.73 26.00 6.31
CA GLY A 52 -10.34 26.00 4.96
C GLY A 52 -9.46 26.69 3.94
N LEU A 53 -8.59 27.60 4.37
CA LEU A 53 -7.64 28.35 3.51
C LEU A 53 -6.44 27.48 3.13
N LEU A 54 -6.23 26.36 3.84
CA LEU A 54 -5.16 25.38 3.50
C LEU A 54 -5.73 24.43 2.46
N ALA A 55 -6.93 23.94 2.71
CA ALA A 55 -7.68 23.06 1.77
C ALA A 55 -7.81 23.75 0.41
N ALA A 56 -8.16 25.04 0.42
CA ALA A 56 -8.32 25.90 -0.79
C ALA A 56 -7.04 25.85 -1.63
N ARG A 57 -5.87 25.94 -0.98
CA ARG A 57 -4.54 25.91 -1.64
C ARG A 57 -4.20 24.47 -2.07
N ALA A 58 -4.56 23.47 -1.25
CA ALA A 58 -4.22 22.04 -1.45
C ALA A 58 -4.97 21.47 -2.65
N TYR A 59 -6.25 21.81 -2.81
CA TYR A 59 -7.15 21.32 -3.90
C TYR A 59 -7.77 22.52 -4.61
N PRO A 60 -6.97 23.30 -5.39
CA PRO A 60 -7.43 24.58 -5.93
C PRO A 60 -8.45 24.49 -7.08
N ARG A 61 -8.45 23.38 -7.83
CA ARG A 61 -9.35 23.15 -9.00
C ARG A 61 -10.63 22.42 -8.57
N ALA A 62 -10.72 21.99 -7.32
CA ALA A 62 -11.85 21.17 -6.78
C ALA A 62 -13.13 22.00 -6.78
N ASP A 63 -14.27 21.37 -7.11
CA ASP A 63 -15.63 21.94 -6.96
C ASP A 63 -15.92 22.11 -5.46
N ARG A 64 -16.78 23.07 -5.11
CA ARG A 64 -16.96 23.56 -3.71
C ARG A 64 -17.34 22.41 -2.79
N GLU A 65 -18.28 21.55 -3.20
CA GLU A 65 -18.80 20.40 -2.39
C GLU A 65 -17.62 19.51 -1.95
N MET A 66 -16.70 19.19 -2.87
CA MET A 66 -15.53 18.29 -2.61
C MET A 66 -14.50 19.02 -1.75
N LEU A 67 -14.20 20.29 -2.09
CA LEU A 67 -13.22 21.14 -1.35
C LEU A 67 -13.69 21.31 0.10
N GLN A 68 -15.02 21.33 0.33
CA GLN A 68 -15.63 21.50 1.66
C GLN A 68 -15.38 20.26 2.52
N ILE A 69 -15.50 19.07 1.93
CA ILE A 69 -15.19 17.76 2.60
C ILE A 69 -13.71 17.77 3.00
N ALA A 70 -12.83 18.14 2.07
CA ALA A 70 -11.36 18.24 2.26
C ALA A 70 -11.06 19.24 3.39
N ALA A 71 -11.72 20.41 3.36
CA ALA A 71 -11.55 21.49 4.35
C ALA A 71 -11.99 21.02 5.74
N ASP A 72 -13.17 20.39 5.83
CA ASP A 72 -13.74 19.83 7.08
C ASP A 72 -12.87 18.68 7.58
N TRP A 73 -12.27 17.92 6.65
CA TRP A 73 -11.34 16.80 6.96
C TRP A 73 -10.03 17.35 7.54
N ILE A 74 -9.48 18.38 6.92
CA ILE A 74 -8.21 19.02 7.38
C ILE A 74 -8.44 19.63 8.76
N ALA A 75 -9.59 20.26 8.93
CA ALA A 75 -10.03 20.84 10.23
C ALA A 75 -10.05 19.74 11.30
N TRP A 76 -10.71 18.61 10.99
CA TRP A 76 -10.84 17.43 11.89
C TRP A 76 -9.44 16.98 12.34
N LEU A 77 -8.51 16.88 11.42
CA LEU A 77 -7.13 16.42 11.71
C LEU A 77 -6.45 17.37 12.68
N PHE A 78 -6.68 18.67 12.51
CA PHE A 78 -6.03 19.71 13.36
C PHE A 78 -6.57 19.63 14.78
N PHE A 79 -7.87 19.42 14.89
CA PHE A 79 -8.57 19.27 16.20
C PHE A 79 -8.04 18.00 16.90
N MET A 80 -7.92 16.89 16.14
CA MET A 80 -7.43 15.58 16.64
C MET A 80 -5.95 15.70 17.01
N ASP A 81 -5.18 16.44 16.24
CA ASP A 81 -3.72 16.57 16.45
C ASP A 81 -3.42 17.38 17.72
N ASP A 82 -4.16 18.46 17.94
CA ASP A 82 -3.99 19.36 19.11
C ASP A 82 -4.26 18.57 20.40
N GLN A 83 -5.27 17.69 20.39
CA GLN A 83 -5.61 16.79 21.52
C GLN A 83 -4.42 15.88 21.83
N CYS A 84 -3.83 15.25 20.80
CA CYS A 84 -2.69 14.31 20.92
C CYS A 84 -1.43 15.03 21.38
N ASP A 85 -1.22 16.27 20.94
CA ASP A 85 0.09 16.94 21.17
C ASP A 85 0.11 17.96 22.30
N GLU A 86 -1.06 18.41 22.75
CA GLU A 86 -1.12 19.47 23.80
C GLU A 86 -2.10 19.10 24.93
N THR A 87 -2.55 17.84 25.03
CA THR A 87 -3.41 17.35 26.14
C THR A 87 -2.94 15.95 26.59
N GLY A 88 -3.54 15.44 27.66
CA GLY A 88 -3.11 14.22 28.38
C GLY A 88 -3.30 12.94 27.58
N ILE A 89 -4.31 12.89 26.71
CA ILE A 89 -4.68 11.67 25.91
C ILE A 89 -3.46 11.20 25.11
N GLY A 90 -2.59 12.13 24.71
CA GLY A 90 -1.35 11.85 23.96
C GLY A 90 -0.28 11.18 24.82
N ARG A 91 -0.51 11.04 26.13
CA ARG A 91 0.39 10.32 27.08
C ARG A 91 -0.37 9.13 27.70
N ASP A 92 -1.52 8.76 27.15
CA ASP A 92 -2.42 7.70 27.69
C ASP A 92 -2.87 6.79 26.54
N LEU A 93 -2.17 5.66 26.35
CA LEU A 93 -2.40 4.71 25.23
C LEU A 93 -3.78 4.04 25.39
N GLN A 94 -4.13 3.64 26.61
CA GLN A 94 -5.42 2.94 26.94
C GLN A 94 -6.60 3.77 26.41
N ARG A 95 -6.60 5.09 26.70
CA ARG A 95 -7.66 6.03 26.25
C ARG A 95 -7.67 6.11 24.72
N MET A 96 -6.49 6.20 24.10
CA MET A 96 -6.32 6.39 22.64
C MET A 96 -6.75 5.14 21.88
N ILE A 97 -6.44 3.95 22.42
CA ILE A 97 -6.86 2.63 21.84
C ILE A 97 -8.39 2.57 21.84
N ALA A 98 -9.03 2.95 22.95
CA ALA A 98 -10.50 2.99 23.14
C ALA A 98 -11.13 3.95 22.12
N LEU A 99 -10.47 5.09 21.87
CA LEU A 99 -10.93 6.14 20.92
C LEU A 99 -10.80 5.63 19.48
N HIS A 100 -9.67 5.03 19.13
CA HIS A 100 -9.35 4.55 17.75
C HIS A 100 -10.21 3.33 17.39
N GLU A 101 -10.64 2.54 18.39
CA GLU A 101 -11.61 1.43 18.21
C GLU A 101 -12.94 2.00 17.71
N ARG A 102 -13.33 3.18 18.19
CA ARG A 102 -14.58 3.89 17.77
C ARG A 102 -14.39 4.48 16.38
N PHE A 103 -13.26 5.16 16.12
CA PHE A 103 -12.92 5.76 14.81
C PHE A 103 -12.95 4.67 13.71
N LEU A 104 -12.22 3.58 13.93
CA LEU A 104 -12.05 2.47 12.96
C LEU A 104 -13.42 1.82 12.65
N ALA A 105 -14.29 1.71 13.67
CA ALA A 105 -15.68 1.23 13.53
C ALA A 105 -16.47 2.17 12.62
N ILE A 106 -16.31 3.49 12.80
CA ILE A 106 -16.99 4.56 12.00
C ILE A 106 -16.48 4.52 10.55
N LEU A 107 -15.18 4.25 10.34
CA LEU A 107 -14.56 4.14 8.99
C LEU A 107 -15.21 2.98 8.22
N ASP A 108 -15.52 1.87 8.90
CA ASP A 108 -16.14 0.66 8.32
C ASP A 108 -17.60 0.94 7.94
N GLY A 109 -18.21 1.98 8.52
CA GLY A 109 -19.58 2.45 8.21
C GLY A 109 -20.56 2.18 9.34
N ALA A 110 -20.07 2.05 10.58
CA ALA A 110 -20.88 1.89 11.80
C ALA A 110 -21.45 3.26 12.21
N THR A 111 -22.72 3.30 12.60
CA THR A 111 -23.42 4.53 13.07
C THR A 111 -22.91 4.88 14.47
N PRO A 112 -22.63 6.17 14.76
CA PRO A 112 -22.25 6.59 16.12
C PRO A 112 -23.37 6.30 17.14
N GLU A 113 -23.00 6.15 18.41
CA GLU A 113 -23.92 5.86 19.54
C GLU A 113 -23.75 6.94 20.62
N ALA A 114 -24.62 6.93 21.63
CA ALA A 114 -24.78 8.01 22.65
C ALA A 114 -23.47 8.24 23.41
N HIS A 115 -22.64 7.21 23.58
CA HIS A 115 -21.40 7.23 24.40
C HIS A 115 -20.22 7.84 23.61
N ASP A 116 -20.36 8.03 22.30
CA ASP A 116 -19.28 8.52 21.41
C ASP A 116 -19.03 10.01 21.65
N CYS A 117 -17.79 10.46 21.42
CA CYS A 117 -17.33 11.87 21.56
C CYS A 117 -17.54 12.63 20.25
N ALA A 118 -17.35 13.96 20.27
CA ALA A 118 -17.60 14.89 19.15
C ALA A 118 -16.77 14.50 17.93
N LEU A 119 -15.50 14.15 18.12
CA LEU A 119 -14.56 13.77 17.03
C LEU A 119 -15.09 12.54 16.28
N THR A 120 -15.62 11.55 17.00
CA THR A 120 -16.20 10.31 16.40
C THR A 120 -17.42 10.68 15.54
N TYR A 121 -18.31 11.52 16.07
CA TYR A 121 -19.51 12.04 15.36
C TYR A 121 -19.09 12.78 14.09
N ALA A 122 -18.06 13.63 14.19
CA ALA A 122 -17.51 14.47 13.10
C ALA A 122 -16.94 13.57 11.99
N LEU A 123 -16.11 12.60 12.36
CA LEU A 123 -15.47 11.64 11.42
C LEU A 123 -16.55 10.86 10.64
N ALA A 124 -17.61 10.45 11.33
CA ALA A 124 -18.76 9.70 10.76
C ALA A 124 -19.41 10.52 9.63
N ASP A 125 -19.55 11.83 9.81
CA ASP A 125 -20.17 12.75 8.83
C ASP A 125 -19.28 12.85 7.58
N LEU A 126 -17.96 12.97 7.77
CA LEU A 126 -16.94 13.03 6.69
C LEU A 126 -17.00 11.72 5.88
N ARG A 127 -17.08 10.58 6.58
CA ARG A 127 -17.15 9.22 5.98
C ARG A 127 -18.44 9.09 5.17
N ARG A 128 -19.57 9.52 5.75
CA ARG A 128 -20.92 9.53 5.11
C ARG A 128 -20.88 10.39 3.83
N ARG A 129 -20.19 11.53 3.87
CA ARG A 129 -20.13 12.51 2.75
C ARG A 129 -19.17 11.99 1.67
N LEU A 130 -18.02 11.44 2.07
CA LEU A 130 -17.03 10.82 1.13
C LEU A 130 -17.69 9.64 0.41
N ALA A 131 -18.54 8.89 1.10
CA ALA A 131 -19.27 7.71 0.57
C ALA A 131 -20.19 8.12 -0.59
N LEU A 132 -20.75 9.34 -0.55
CA LEU A 132 -21.67 9.88 -1.58
C LEU A 132 -20.90 10.30 -2.84
N ARG A 133 -19.59 10.56 -2.72
CA ARG A 133 -18.76 11.15 -3.81
C ARG A 133 -17.62 10.20 -4.24
N ALA A 134 -17.39 9.08 -3.56
CA ALA A 134 -16.27 8.15 -3.83
C ALA A 134 -16.77 6.71 -3.94
N PRO A 135 -16.17 5.89 -4.84
CA PRO A 135 -16.54 4.48 -4.99
C PRO A 135 -15.99 3.60 -3.86
N ASP A 136 -16.51 2.37 -3.75
CA ASP A 136 -16.17 1.39 -2.69
C ASP A 136 -14.64 1.20 -2.62
N ASN A 137 -13.97 1.14 -3.78
CA ASN A 137 -12.51 0.85 -3.88
C ASN A 137 -11.71 2.01 -3.28
N TRP A 138 -12.19 3.24 -3.43
CA TRP A 138 -11.50 4.48 -2.95
C TRP A 138 -11.59 4.57 -1.41
N LEU A 139 -12.77 4.29 -0.85
CA LEU A 139 -13.04 4.34 0.62
C LEU A 139 -12.06 3.42 1.36
N ARG A 140 -11.87 2.19 0.84
CA ARG A 140 -10.92 1.19 1.39
C ARG A 140 -9.52 1.79 1.48
N ARG A 141 -9.03 2.37 0.37
CA ARG A 141 -7.67 2.96 0.27
C ARG A 141 -7.55 4.15 1.22
N PHE A 142 -8.64 4.93 1.40
CA PHE A 142 -8.70 6.08 2.34
C PHE A 142 -8.70 5.56 3.79
N SER A 143 -9.57 4.58 4.09
CA SER A 143 -9.69 3.94 5.43
C SER A 143 -8.32 3.49 5.94
N GLU A 144 -7.54 2.81 5.09
CA GLU A 144 -6.22 2.21 5.43
C GLU A 144 -5.21 3.30 5.77
N HIS A 145 -5.13 4.36 4.96
CA HIS A 145 -4.20 5.52 5.14
C HIS A 145 -4.55 6.26 6.43
N VAL A 146 -5.85 6.35 6.76
CA VAL A 146 -6.37 6.98 8.01
C VAL A 146 -6.16 6.01 9.19
N ARG A 147 -6.36 4.71 8.97
CA ARG A 147 -6.11 3.65 9.99
C ARG A 147 -4.63 3.70 10.41
N LEU A 148 -3.73 3.83 9.44
CA LEU A 148 -2.25 3.93 9.64
C LEU A 148 -1.91 5.27 10.32
N TYR A 149 -2.77 6.29 10.15
CA TYR A 149 -2.57 7.62 10.78
C TYR A 149 -2.76 7.47 12.28
N PHE A 150 -3.79 6.72 12.67
CA PHE A 150 -4.11 6.43 14.09
C PHE A 150 -3.00 5.58 14.71
N THR A 151 -2.58 4.52 14.01
CA THR A 151 -1.47 3.61 14.41
C THR A 151 -0.21 4.45 14.72
N ALA A 152 0.08 5.44 13.87
CA ALA A 152 1.25 6.33 13.99
C ALA A 152 1.13 7.22 15.25
N ASN A 153 -0.09 7.64 15.59
CA ASN A 153 -0.38 8.48 16.78
C ASN A 153 -0.29 7.62 18.06
N ARG A 154 -0.75 6.38 18.01
CA ARG A 154 -0.59 5.40 19.13
C ARG A 154 0.90 5.16 19.36
N TRP A 155 1.69 5.10 18.29
CA TRP A 155 3.18 4.94 18.33
C TRP A 155 3.80 6.18 18.98
N GLU A 156 3.35 7.37 18.61
CA GLU A 156 3.86 8.64 19.18
C GLU A 156 3.47 8.69 20.66
N THR A 157 2.24 8.25 20.98
CA THR A 157 1.71 8.21 22.37
C THR A 157 2.60 7.30 23.24
N VAL A 158 2.94 6.11 22.75
CA VAL A 158 3.81 5.12 23.44
C VAL A 158 5.18 5.78 23.72
N ASN A 159 5.75 6.45 22.72
CA ASN A 159 7.07 7.13 22.80
C ASN A 159 7.04 8.19 23.91
N ARG A 160 5.98 9.01 23.96
CA ARG A 160 5.77 10.07 25.00
C ARG A 160 5.63 9.42 26.38
N GLN A 161 4.79 8.37 26.47
CA GLN A 161 4.43 7.68 27.73
C GLN A 161 5.66 6.95 28.31
N ARG A 162 6.50 6.38 27.45
CA ARG A 162 7.71 5.60 27.83
C ARG A 162 8.96 6.50 27.80
N GLY A 163 8.81 7.75 27.36
CA GLY A 163 9.90 8.76 27.34
C GLY A 163 11.05 8.35 26.43
N ALA A 164 10.72 7.78 25.26
CA ALA A 164 11.69 7.26 24.26
C ALA A 164 11.66 8.16 23.01
N THR A 165 12.82 8.64 22.57
CA THR A 165 13.00 9.46 21.35
C THR A 165 13.57 8.58 20.24
N PRO A 166 12.90 8.49 19.07
CA PRO A 166 13.38 7.65 17.97
C PRO A 166 14.58 8.28 17.24
N ASN A 167 15.36 7.47 16.53
CA ASN A 167 16.48 7.94 15.65
C ASN A 167 15.87 8.55 14.39
N VAL A 168 16.71 9.22 13.58
CA VAL A 168 16.29 9.97 12.36
C VAL A 168 15.64 8.99 11.37
N ALA A 169 16.24 7.81 11.19
CA ALA A 169 15.77 6.73 10.28
C ALA A 169 14.34 6.30 10.65
N THR A 170 14.09 6.03 11.94
CA THR A 170 12.79 5.55 12.48
C THR A 170 11.73 6.66 12.37
N TYR A 171 12.06 7.86 12.85
CA TYR A 171 11.13 9.03 12.86
C TYR A 171 10.61 9.29 11.44
N CYS A 172 11.52 9.48 10.48
CA CYS A 172 11.24 9.81 9.06
C CYS A 172 10.28 8.77 8.45
N ALA A 173 10.50 7.49 8.74
CA ALA A 173 9.66 6.36 8.27
C ALA A 173 8.25 6.48 8.86
N ALA A 174 8.16 6.77 10.17
CA ALA A 174 6.88 6.89 10.92
C ALA A 174 6.19 8.21 10.58
N ARG A 175 6.96 9.28 10.36
CA ARG A 175 6.44 10.64 10.06
C ARG A 175 5.60 10.68 8.78
N LEU A 176 5.83 9.74 7.87
CA LEU A 176 5.10 9.61 6.58
C LEU A 176 3.62 9.27 6.82
N PHE A 177 3.29 8.67 7.97
CA PHE A 177 1.92 8.23 8.32
C PHE A 177 1.31 9.11 9.43
N SER A 178 2.18 9.74 10.22
CA SER A 178 1.79 10.53 11.42
C SER A 178 1.18 11.89 11.06
N GLY A 179 1.02 12.19 9.78
CA GLY A 179 0.44 13.46 9.34
C GLY A 179 -0.76 13.23 8.47
N ALA A 180 -1.06 11.97 8.15
CA ALA A 180 -2.18 11.53 7.28
C ALA A 180 -2.05 12.16 5.89
N VAL A 181 -0.83 12.35 5.38
CA VAL A 181 -0.57 13.02 4.09
C VAL A 181 -1.07 12.13 2.95
N TYR A 182 -0.85 10.81 3.06
CA TYR A 182 -1.30 9.83 2.05
C TYR A 182 -2.84 9.86 1.94
N ALA A 183 -3.53 10.00 3.07
CA ALA A 183 -5.00 10.13 3.15
C ALA A 183 -5.44 11.41 2.44
N CYS A 184 -4.65 12.46 2.54
CA CYS A 184 -4.98 13.74 1.86
C CYS A 184 -4.75 13.55 0.35
N PHE A 185 -3.65 12.89 -0.01
CA PHE A 185 -3.30 12.64 -1.43
C PHE A 185 -4.41 11.84 -2.12
N ASP A 186 -5.12 11.00 -1.37
CA ASP A 186 -6.27 10.22 -1.89
C ASP A 186 -7.35 11.18 -2.41
N LEU A 187 -7.58 12.28 -1.69
CA LEU A 187 -8.64 13.29 -2.01
C LEU A 187 -8.33 14.00 -3.34
N ILE A 188 -7.07 14.00 -3.78
CA ILE A 188 -6.63 14.59 -5.08
C ILE A 188 -7.39 13.90 -6.22
N GLU A 189 -7.66 12.60 -6.09
CA GLU A 189 -8.40 11.79 -7.10
C GLU A 189 -9.82 12.33 -7.27
N LEU A 190 -10.49 12.66 -6.16
CA LEU A 190 -11.89 13.15 -6.12
C LEU A 190 -11.93 14.63 -6.53
N ALA A 191 -10.91 15.40 -6.13
CA ALA A 191 -10.74 16.84 -6.42
C ALA A 191 -10.57 17.05 -7.94
N GLU A 192 -9.77 16.19 -8.59
CA GLU A 192 -9.45 16.26 -10.04
C GLU A 192 -10.43 15.42 -10.85
N GLN A 193 -11.22 14.56 -10.18
CA GLN A 193 -12.17 13.60 -10.80
C GLN A 193 -11.43 12.75 -11.84
N ILE A 194 -10.51 11.91 -11.37
CA ILE A 194 -9.67 10.99 -12.21
C ILE A 194 -9.80 9.57 -11.63
N GLU A 195 -9.84 8.57 -12.52
CA GLU A 195 -9.84 7.13 -12.18
C GLU A 195 -8.54 6.49 -12.70
N LEU A 196 -7.47 6.59 -11.90
CA LEU A 196 -6.16 5.96 -12.18
C LEU A 196 -6.30 4.45 -12.03
N PRO A 197 -5.93 3.64 -13.05
CA PRO A 197 -6.01 2.18 -12.94
C PRO A 197 -4.98 1.64 -11.94
N PHE A 198 -5.32 0.53 -11.27
CA PHE A 198 -4.54 -0.11 -10.18
C PHE A 198 -3.03 -0.08 -10.49
N TYR A 199 -2.64 -0.45 -11.71
CA TYR A 199 -1.21 -0.61 -12.13
C TYR A 199 -0.51 0.75 -12.11
N ALA A 200 -1.22 1.81 -12.51
CA ALA A 200 -0.70 3.20 -12.56
C ALA A 200 -0.68 3.79 -11.14
N ARG A 201 -1.77 3.60 -10.39
CA ARG A 201 -1.99 4.18 -9.03
C ARG A 201 -0.85 3.77 -8.08
N HIS A 202 -0.42 2.50 -8.14
CA HIS A 202 0.51 1.87 -7.17
C HIS A 202 1.90 1.65 -7.78
N HIS A 203 2.20 2.27 -8.94
CA HIS A 203 3.51 2.17 -9.63
C HIS A 203 4.61 2.78 -8.73
N SER A 204 5.80 2.19 -8.74
CA SER A 204 6.92 2.50 -7.83
C SER A 204 7.32 3.98 -7.91
N ILE A 205 7.29 4.56 -9.11
CA ILE A 205 7.66 6.00 -9.37
C ILE A 205 6.62 6.90 -8.70
N VAL A 206 5.33 6.59 -8.85
CA VAL A 206 4.20 7.35 -8.22
C VAL A 206 4.36 7.29 -6.70
N GLN A 207 4.68 6.10 -6.16
CA GLN A 207 4.92 5.87 -4.72
C GLN A 207 6.10 6.73 -4.24
N GLN A 208 7.20 6.76 -5.00
CA GLN A 208 8.44 7.51 -4.68
C GLN A 208 8.20 9.02 -4.82
N LEU A 209 7.27 9.43 -5.70
CA LEU A 209 6.83 10.84 -5.85
C LEU A 209 5.97 11.21 -4.63
N GLU A 210 5.05 10.32 -4.22
CA GLU A 210 4.18 10.48 -3.03
C GLU A 210 5.05 10.55 -1.77
N GLN A 211 6.02 9.64 -1.63
CA GLN A 211 6.97 9.57 -0.48
C GLN A 211 7.75 10.88 -0.39
N ALA A 212 8.30 11.35 -1.52
CA ALA A 212 9.11 12.58 -1.65
C ALA A 212 8.27 13.80 -1.24
N ALA A 213 7.07 13.95 -1.84
CA ALA A 213 6.10 15.03 -1.56
C ALA A 213 5.73 15.02 -0.08
N ASN A 214 5.46 13.83 0.48
CA ASN A 214 5.10 13.62 1.91
C ASN A 214 6.22 14.15 2.80
N ASN A 215 7.46 13.72 2.55
CA ASN A 215 8.67 14.11 3.31
C ASN A 215 8.81 15.64 3.31
N ILE A 216 8.77 16.26 2.13
CA ILE A 216 8.90 17.73 1.93
C ILE A 216 7.87 18.44 2.84
N ILE A 217 6.61 18.09 2.66
CA ILE A 217 5.47 18.67 3.41
C ILE A 217 5.73 18.55 4.93
N CYS A 218 6.11 17.36 5.40
CA CYS A 218 6.30 17.06 6.85
C CYS A 218 7.57 17.74 7.39
N TRP A 219 8.67 17.68 6.63
CA TRP A 219 9.99 18.24 7.06
C TRP A 219 9.92 19.77 7.04
N CYS A 220 9.11 20.36 6.15
CA CYS A 220 8.79 21.81 6.10
C CYS A 220 8.07 22.20 7.40
N ASN A 221 7.04 21.44 7.74
CA ASN A 221 6.27 21.64 8.97
C ASN A 221 7.18 21.47 10.18
N ASP A 222 8.13 20.55 10.14
CA ASP A 222 9.00 20.32 11.31
C ASP A 222 9.84 21.56 11.59
N VAL A 223 10.36 22.19 10.54
CA VAL A 223 11.19 23.42 10.62
C VAL A 223 10.37 24.57 11.21
N LEU A 224 9.07 24.63 10.87
CA LEU A 224 8.17 25.75 11.27
C LEU A 224 7.61 25.53 12.68
N SER A 225 7.33 24.26 13.04
CA SER A 225 6.62 23.93 14.31
C SER A 225 7.49 23.34 15.41
N TYR A 226 8.81 23.43 15.29
CA TYR A 226 9.74 22.91 16.32
C TYR A 226 9.62 23.72 17.61
N PRO A 227 9.48 25.07 17.58
CA PRO A 227 9.42 25.85 18.81
C PRO A 227 8.24 25.50 19.71
N LYS A 228 7.07 25.36 19.09
CA LYS A 228 5.80 25.03 19.80
C LYS A 228 5.82 23.59 20.29
N GLU A 229 6.46 22.68 19.56
CA GLU A 229 6.53 21.25 19.95
C GLU A 229 7.59 21.08 21.03
N MET A 230 8.60 21.94 21.03
CA MET A 230 9.70 21.93 22.02
C MET A 230 9.15 22.30 23.40
N GLN A 231 8.31 23.34 23.45
CA GLN A 231 7.71 23.90 24.70
C GLN A 231 6.81 22.84 25.37
N HIS A 232 6.25 21.91 24.58
CA HIS A 232 5.39 20.80 25.06
C HIS A 232 6.24 19.54 25.34
N GLY A 233 7.55 19.61 25.10
CA GLY A 233 8.50 18.50 25.32
C GLY A 233 8.26 17.33 24.38
N ASP A 234 7.74 17.61 23.18
CA ASP A 234 7.40 16.61 22.14
C ASP A 234 8.48 16.65 21.05
N ARG A 235 9.36 15.64 21.04
CA ARG A 235 10.59 15.60 20.19
C ARG A 235 10.31 14.87 18.87
N HIS A 236 9.03 14.61 18.53
CA HIS A 236 8.59 14.07 17.22
C HIS A 236 8.69 15.17 16.16
N ASN A 237 9.93 15.52 15.84
CA ASN A 237 10.26 16.62 14.91
C ASN A 237 11.66 16.40 14.33
N LEU A 238 11.79 16.47 13.00
CA LEU A 238 13.06 16.18 12.28
C LEU A 238 14.22 16.97 12.90
N VAL A 239 14.00 18.25 13.22
CA VAL A 239 15.01 19.17 13.81
C VAL A 239 15.45 18.61 15.18
N LEU A 240 14.47 18.23 16.02
CA LEU A 240 14.72 17.78 17.42
C LEU A 240 15.30 16.36 17.42
N VAL A 241 14.84 15.49 16.52
CA VAL A 241 15.34 14.09 16.36
C VAL A 241 16.79 14.13 15.87
N ILE A 242 17.10 14.98 14.88
CA ILE A 242 18.47 15.20 14.33
C ILE A 242 19.37 15.71 15.45
N GLN A 243 18.90 16.67 16.26
CA GLN A 243 19.67 17.31 17.36
C GLN A 243 20.12 16.23 18.36
N GLY A 244 19.20 15.32 18.72
CA GLY A 244 19.47 14.20 19.65
C GLY A 244 20.48 13.21 19.07
N GLU A 245 20.35 12.89 17.78
CA GLU A 245 21.18 11.88 17.07
C GLU A 245 22.63 12.38 16.93
N HIS A 246 22.81 13.64 16.54
CA HIS A 246 24.13 14.26 16.25
C HIS A 246 24.67 15.02 17.47
N GLN A 247 23.90 15.08 18.57
CA GLN A 247 24.27 15.77 19.83
C GLN A 247 24.73 17.20 19.52
N CYS A 248 24.16 17.82 18.49
CA CYS A 248 24.59 19.13 17.92
C CYS A 248 23.72 20.27 18.48
N SER A 249 24.06 21.51 18.12
CA SER A 249 23.31 22.74 18.50
C SER A 249 22.00 22.80 17.72
N LEU A 250 21.05 23.62 18.18
CA LEU A 250 19.69 23.76 17.59
C LEU A 250 19.78 24.44 16.22
N PRO A 251 20.61 25.49 16.04
CA PRO A 251 20.83 26.08 14.71
C PRO A 251 21.35 25.06 13.68
N GLU A 252 22.31 24.22 14.08
CA GLU A 252 22.92 23.17 13.22
C GLU A 252 21.86 22.12 12.87
N ALA A 253 21.00 21.78 13.82
CA ALA A 253 19.89 20.80 13.67
C ALA A 253 18.89 21.31 12.62
N ILE A 254 18.58 22.61 12.65
CA ILE A 254 17.67 23.30 11.68
C ILE A 254 18.34 23.28 10.30
N ASP A 255 19.64 23.60 10.25
CA ASP A 255 20.46 23.67 9.00
C ASP A 255 20.46 22.31 8.32
N ARG A 256 20.57 21.22 9.08
CA ARG A 256 20.60 19.81 8.57
C ARG A 256 19.21 19.43 8.02
N ALA A 257 18.14 19.78 8.75
CA ALA A 257 16.74 19.49 8.39
C ALA A 257 16.40 20.14 7.05
N LEU A 258 16.86 21.39 6.84
CA LEU A 258 16.63 22.19 5.61
C LEU A 258 17.44 21.59 4.44
N ASP A 259 18.62 21.03 4.72
CA ASP A 259 19.48 20.34 3.71
C ASP A 259 18.73 19.13 3.18
N LEU A 260 18.10 18.34 4.05
CA LEU A 260 17.28 17.16 3.68
C LEU A 260 16.06 17.61 2.86
N HIS A 261 15.42 18.71 3.27
CA HIS A 261 14.25 19.32 2.57
C HIS A 261 14.65 19.68 1.13
N ALA A 262 15.77 20.41 0.98
CA ALA A 262 16.34 20.86 -0.31
C ALA A 262 16.66 19.65 -1.20
N ARG A 263 17.27 18.62 -0.63
CA ARG A 263 17.67 17.36 -1.34
C ARG A 263 16.41 16.61 -1.79
N GLU A 264 15.34 16.65 -0.99
CA GLU A 264 14.07 15.91 -1.24
C GLU A 264 13.28 16.60 -2.35
N VAL A 265 13.35 17.93 -2.42
CA VAL A 265 12.73 18.75 -3.52
C VAL A 265 13.38 18.35 -4.85
N ALA A 266 14.72 18.26 -4.87
CA ALA A 266 15.54 17.87 -6.04
C ALA A 266 15.13 16.47 -6.51
N THR A 267 14.97 15.52 -5.58
CA THR A 267 14.57 14.11 -5.85
C THR A 267 13.20 14.09 -6.52
N PHE A 268 12.21 14.80 -5.95
CA PHE A 268 10.82 14.87 -6.45
C PHE A 268 10.82 15.37 -7.91
N VAL A 269 11.56 16.45 -8.17
CA VAL A 269 11.66 17.10 -9.52
C VAL A 269 12.32 16.12 -10.49
N ARG A 270 13.41 15.47 -10.06
CA ARG A 270 14.16 14.45 -10.85
C ARG A 270 13.23 13.30 -11.23
N LYS A 271 12.46 12.78 -10.26
CA LYS A 271 11.64 11.54 -10.40
C LYS A 271 10.32 11.84 -11.12
N ARG A 272 9.93 13.11 -11.27
CA ARG A 272 8.68 13.50 -11.98
C ARG A 272 8.81 13.16 -13.48
N THR A 273 10.05 13.16 -14.01
CA THR A 273 10.36 12.92 -15.44
C THR A 273 10.56 11.42 -15.72
N CYS A 274 10.52 10.57 -14.69
CA CYS A 274 10.83 9.12 -14.77
C CYS A 274 9.55 8.27 -14.79
N VAL A 275 8.38 8.89 -15.01
CA VAL A 275 7.07 8.19 -15.10
C VAL A 275 6.98 7.51 -16.46
N PRO A 276 6.83 6.17 -16.53
CA PRO A 276 6.74 5.47 -17.82
C PRO A 276 5.42 5.75 -18.53
N TYR A 277 5.42 5.66 -19.87
CA TYR A 277 4.24 5.87 -20.74
C TYR A 277 3.41 4.58 -20.80
N PHE A 278 2.24 4.59 -20.16
CA PHE A 278 1.23 3.49 -20.18
C PHE A 278 0.35 3.67 -21.43
N ASP A 279 -0.42 4.76 -21.45
CA ASP A 279 -1.18 5.26 -22.64
C ASP A 279 -1.56 6.72 -22.38
N ALA A 280 -2.08 7.42 -23.39
CA ALA A 280 -2.37 8.87 -23.39
C ALA A 280 -3.36 9.21 -22.27
N ALA A 281 -4.45 8.43 -22.13
CA ALA A 281 -5.55 8.65 -21.18
C ALA A 281 -5.05 8.50 -19.73
N VAL A 282 -4.29 7.43 -19.45
CA VAL A 282 -3.78 7.08 -18.08
C VAL A 282 -2.72 8.11 -17.67
N ASN A 283 -1.81 8.48 -18.58
CA ASN A 283 -0.70 9.43 -18.31
C ASN A 283 -1.26 10.85 -18.13
N THR A 284 -2.32 11.20 -18.85
CA THR A 284 -3.06 12.48 -18.72
C THR A 284 -3.58 12.61 -17.28
N ALA A 285 -4.19 11.53 -16.76
CA ALA A 285 -4.74 11.45 -15.39
C ALA A 285 -3.62 11.51 -14.35
N LEU A 286 -2.46 10.90 -14.65
CA LEU A 286 -1.29 10.83 -13.73
C LEU A 286 -0.70 12.22 -13.51
N GLU A 287 -0.53 13.01 -14.58
CA GLU A 287 0.06 14.38 -14.52
C GLU A 287 -0.85 15.30 -13.70
N LYS A 288 -2.17 15.11 -13.78
CA LYS A 288 -3.17 15.83 -12.94
C LYS A 288 -2.94 15.49 -11.47
N TYR A 289 -2.69 14.22 -11.15
CA TYR A 289 -2.44 13.72 -9.77
C TYR A 289 -1.09 14.25 -9.27
N VAL A 290 -0.06 14.17 -10.12
CA VAL A 290 1.34 14.61 -9.81
C VAL A 290 1.37 16.13 -9.68
N THR A 291 0.53 16.84 -10.43
CA THR A 291 0.29 18.30 -10.28
C THR A 291 -0.36 18.54 -8.90
N GLY A 292 -1.36 17.74 -8.56
CA GLY A 292 -2.05 17.75 -7.25
C GLY A 292 -1.07 17.66 -6.09
N LEU A 293 -0.03 16.84 -6.22
CA LEU A 293 1.06 16.70 -5.22
C LEU A 293 1.78 18.04 -5.08
N GLN A 294 2.22 18.63 -6.19
CA GLN A 294 2.95 19.93 -6.24
C GLN A 294 2.11 21.02 -5.56
N PHE A 295 0.80 21.07 -5.83
CA PHE A 295 -0.15 22.01 -5.19
C PHE A 295 -0.06 21.87 -3.68
N TRP A 296 -0.08 20.63 -3.18
CA TRP A 296 -0.01 20.31 -1.73
C TRP A 296 1.32 20.78 -1.15
N ILE A 297 2.40 20.57 -1.87
CA ILE A 297 3.78 20.95 -1.42
C ILE A 297 3.80 22.46 -1.15
N CYS A 298 3.29 23.26 -2.10
CA CYS A 298 3.20 24.73 -2.03
C CYS A 298 2.17 25.14 -0.97
N ALA A 299 0.96 24.58 -1.05
CA ALA A 299 -0.18 24.86 -0.13
C ALA A 299 0.28 24.78 1.32
N ASN A 300 1.06 23.75 1.65
CA ASN A 300 1.54 23.52 3.02
C ASN A 300 2.49 24.64 3.45
N ARG A 301 3.37 25.07 2.56
CA ARG A 301 4.40 26.12 2.84
C ARG A 301 3.76 27.51 2.81
N ASP A 302 2.96 27.79 1.78
CA ASP A 302 2.29 29.10 1.57
C ASP A 302 1.46 29.45 2.80
N TRP A 303 0.64 28.50 3.28
CA TRP A 303 -0.32 28.67 4.40
C TRP A 303 0.43 28.82 5.73
N SER A 304 1.41 27.95 6.00
CA SER A 304 2.09 27.80 7.30
C SER A 304 2.91 29.05 7.66
N LEU A 305 3.47 29.74 6.66
CA LEU A 305 4.25 30.99 6.86
C LEU A 305 3.33 32.13 7.30
N THR A 306 2.08 32.14 6.83
CA THR A 306 1.06 33.20 7.10
C THR A 306 0.26 32.86 8.36
N ALA A 307 0.03 31.57 8.63
CA ALA A 307 -0.79 31.06 9.75
C ALA A 307 -0.16 31.43 11.09
N THR A 308 -0.98 31.84 12.07
CA THR A 308 -0.56 32.25 13.43
C THR A 308 -0.16 31.03 14.26
N ARG A 309 -0.53 29.84 13.82
CA ARG A 309 -0.21 28.57 14.52
C ARG A 309 1.28 28.42 14.77
N TYR A 310 2.15 28.87 13.85
CA TYR A 310 3.61 28.67 14.03
C TYR A 310 4.31 30.00 14.27
N ALA A 311 3.57 30.95 14.82
CA ALA A 311 4.06 32.33 15.07
C ALA A 311 4.76 32.38 16.43
N ASP B 2 18.96 -25.61 -22.92
CA ASP B 2 18.43 -26.31 -21.72
C ASP B 2 19.25 -25.92 -20.50
N GLN B 3 20.57 -26.10 -20.56
CA GLN B 3 21.54 -25.68 -19.51
C GLN B 3 21.67 -24.14 -19.53
N ASP B 4 21.49 -23.53 -20.70
CA ASP B 4 21.51 -22.05 -20.90
C ASP B 4 20.49 -21.38 -19.97
N TYR B 5 19.30 -21.98 -19.82
CA TYR B 5 18.19 -21.48 -18.98
C TYR B 5 18.56 -21.58 -17.49
N ARG B 6 19.08 -22.74 -17.09
CA ARG B 6 19.38 -23.09 -15.66
C ARG B 6 20.45 -22.14 -15.11
N ALA B 7 21.42 -21.76 -15.95
CA ALA B 7 22.55 -20.87 -15.60
C ALA B 7 22.08 -19.41 -15.46
N ARG B 8 20.93 -19.07 -16.07
CA ARG B 8 20.36 -17.69 -16.07
C ARG B 8 19.20 -17.59 -15.06
N LEU B 9 18.71 -18.72 -14.52
CA LEU B 9 17.66 -18.77 -13.48
C LEU B 9 18.28 -19.07 -12.10
N VAL B 10 19.56 -18.77 -11.92
CA VAL B 10 20.30 -18.92 -10.64
C VAL B 10 20.07 -17.68 -9.77
N TYR B 11 20.15 -17.84 -8.45
CA TYR B 11 20.06 -16.74 -7.44
C TYR B 11 21.25 -16.84 -6.49
N PRO B 12 21.75 -15.70 -5.93
CA PRO B 12 22.89 -15.74 -5.01
C PRO B 12 22.54 -16.16 -3.57
N PHE B 13 21.38 -16.78 -3.37
CA PHE B 13 20.87 -17.25 -2.04
C PHE B 13 20.18 -18.60 -2.21
N SER B 14 20.08 -19.37 -1.12
CA SER B 14 19.50 -20.73 -1.07
C SER B 14 18.06 -20.67 -0.55
N GLY B 15 17.22 -21.62 -1.00
CA GLY B 15 15.86 -21.85 -0.48
C GLY B 15 15.87 -22.93 0.59
N ALA B 16 14.68 -23.32 1.07
CA ALA B 16 14.47 -24.41 2.04
C ALA B 16 13.03 -24.93 1.92
N ILE B 17 12.73 -26.08 2.51
CA ILE B 17 11.39 -26.72 2.48
C ILE B 17 11.01 -27.15 3.90
N SER B 18 9.72 -27.02 4.26
CA SER B 18 9.15 -27.42 5.57
C SER B 18 9.15 -28.95 5.66
N PRO B 19 9.53 -29.54 6.82
CA PRO B 19 9.48 -31.00 6.98
C PRO B 19 8.05 -31.57 6.94
N HIS B 20 7.03 -30.72 7.01
CA HIS B 20 5.59 -31.09 6.99
C HIS B 20 5.07 -31.15 5.54
N ALA B 21 5.95 -31.00 4.55
CA ALA B 21 5.62 -30.76 3.12
C ALA B 21 4.55 -31.73 2.62
N ASP B 22 4.76 -33.05 2.80
CA ASP B 22 3.98 -34.12 2.13
C ASP B 22 2.58 -34.24 2.73
N ILE B 23 2.46 -34.31 4.06
CA ILE B 23 1.15 -34.43 4.76
C ILE B 23 0.32 -33.16 4.49
N VAL B 24 0.97 -32.00 4.39
CA VAL B 24 0.32 -30.70 4.05
C VAL B 24 -0.25 -30.77 2.63
N ASP B 25 0.51 -31.35 1.69
CA ASP B 25 0.12 -31.50 0.27
C ASP B 25 -1.06 -32.47 0.16
N GLN B 26 -0.99 -33.61 0.85
CA GLN B 26 -2.05 -34.65 0.90
C GLN B 26 -3.32 -34.05 1.52
N ALA B 27 -3.17 -33.19 2.54
CA ALA B 27 -4.27 -32.49 3.24
C ALA B 27 -4.90 -31.44 2.31
N THR B 28 -4.09 -30.75 1.50
CA THR B 28 -4.55 -29.75 0.50
C THR B 28 -5.41 -30.45 -0.56
N LEU B 29 -5.00 -31.64 -1.00
CA LEU B 29 -5.72 -32.47 -2.01
C LEU B 29 -7.07 -32.90 -1.40
N ALA B 30 -7.07 -33.31 -0.13
CA ALA B 30 -8.27 -33.70 0.65
C ALA B 30 -9.19 -32.48 0.81
N TRP B 31 -8.63 -31.31 1.11
CA TRP B 31 -9.36 -30.02 1.30
C TRP B 31 -10.05 -29.64 -0.02
N ALA B 32 -9.30 -29.61 -1.13
CA ALA B 32 -9.77 -29.24 -2.48
C ALA B 32 -10.96 -30.13 -2.88
N ALA B 33 -10.84 -31.44 -2.65
CA ALA B 33 -11.87 -32.47 -2.97
C ALA B 33 -13.15 -32.20 -2.16
N MET B 34 -13.01 -31.82 -0.89
CA MET B 34 -14.12 -31.61 0.08
C MET B 34 -14.99 -30.43 -0.37
N PHE B 35 -14.36 -29.36 -0.86
CA PHE B 35 -15.04 -28.10 -1.30
C PHE B 35 -15.43 -28.18 -2.77
N GLY B 36 -15.09 -29.28 -3.46
CA GLY B 36 -15.46 -29.55 -4.86
C GLY B 36 -14.70 -28.65 -5.83
N LEU B 37 -13.41 -28.46 -5.59
CA LEU B 37 -12.49 -27.64 -6.44
C LEU B 37 -11.80 -28.54 -7.48
N LEU B 38 -11.89 -29.87 -7.32
CA LEU B 38 -11.26 -30.87 -8.22
C LEU B 38 -12.18 -31.13 -9.42
N THR B 39 -11.66 -30.93 -10.64
CA THR B 39 -12.34 -31.20 -11.94
C THR B 39 -11.99 -32.63 -12.40
N ASP B 40 -12.91 -33.30 -13.10
CA ASP B 40 -12.69 -34.64 -13.69
C ASP B 40 -11.80 -34.48 -14.93
N SER B 41 -10.67 -35.20 -14.97
CA SER B 41 -9.65 -35.14 -16.04
C SER B 41 -9.24 -36.56 -16.46
N LYS B 45 -4.20 -36.63 -13.56
CA LYS B 45 -2.94 -36.35 -12.82
C LYS B 45 -3.24 -35.45 -11.61
N SER B 46 -4.10 -35.92 -10.69
CA SER B 46 -4.58 -35.15 -9.51
C SER B 46 -3.52 -35.14 -8.40
N ARG B 47 -2.81 -36.27 -8.23
CA ARG B 47 -1.72 -36.42 -7.24
C ARG B 47 -0.45 -35.69 -7.72
N ARG B 48 -0.36 -35.40 -9.03
CA ARG B 48 0.78 -34.68 -9.66
C ARG B 48 0.41 -33.19 -9.85
N LEU B 49 -0.05 -32.54 -8.78
CA LEU B 49 -0.27 -31.06 -8.72
C LEU B 49 0.71 -30.45 -7.72
N GLN B 50 0.74 -31.00 -6.50
CA GLN B 50 1.79 -30.75 -5.47
C GLN B 50 1.76 -29.27 -5.04
N TYR B 51 0.58 -28.66 -4.95
CA TYR B 51 0.38 -27.24 -4.55
C TYR B 51 0.93 -27.03 -3.13
N GLY B 52 0.88 -28.06 -2.30
CA GLY B 52 1.45 -28.06 -0.93
C GLY B 52 2.97 -27.95 -0.94
N LEU B 53 3.63 -28.59 -1.92
CA LEU B 53 5.12 -28.64 -2.03
C LEU B 53 5.67 -27.27 -2.43
N LEU B 54 4.85 -26.40 -3.04
CA LEU B 54 5.20 -24.98 -3.31
C LEU B 54 5.14 -24.19 -1.99
N ALA B 55 4.03 -24.33 -1.26
CA ALA B 55 3.77 -23.67 0.05
C ALA B 55 4.88 -24.04 1.04
N ALA B 56 5.21 -25.33 1.13
CA ALA B 56 6.27 -25.90 1.99
C ALA B 56 7.59 -25.18 1.72
N ARG B 57 7.92 -24.96 0.43
CA ARG B 57 9.16 -24.26 -0.01
C ARG B 57 9.01 -22.75 0.28
N ALA B 58 7.83 -22.19 0.03
CA ALA B 58 7.52 -20.75 0.18
C ALA B 58 7.67 -20.32 1.65
N TYR B 59 7.10 -21.10 2.59
CA TYR B 59 7.09 -20.83 4.05
C TYR B 59 7.69 -22.02 4.79
N PRO B 60 9.04 -22.18 4.77
CA PRO B 60 9.68 -23.39 5.31
C PRO B 60 9.75 -23.48 6.84
N ARG B 61 9.71 -22.34 7.55
CA ARG B 61 9.83 -22.27 9.03
C ARG B 61 8.44 -22.25 9.68
N ALA B 62 7.37 -22.23 8.88
CA ALA B 62 5.96 -22.11 9.35
C ALA B 62 5.56 -23.38 10.12
N ASP B 63 4.72 -23.22 11.16
CA ASP B 63 4.07 -24.33 11.90
C ASP B 63 3.03 -24.98 10.97
N ARG B 64 2.66 -26.23 11.24
CA ARG B 64 1.89 -27.09 10.30
C ARG B 64 0.51 -26.51 10.05
N GLU B 65 -0.14 -25.95 11.08
CA GLU B 65 -1.49 -25.33 11.00
C GLU B 65 -1.46 -24.13 10.04
N MET B 66 -0.44 -23.28 10.16
CA MET B 66 -0.26 -22.04 9.35
C MET B 66 0.07 -22.42 7.90
N LEU B 67 1.07 -23.30 7.71
CA LEU B 67 1.54 -23.79 6.39
C LEU B 67 0.35 -24.37 5.60
N GLN B 68 -0.57 -25.05 6.29
CA GLN B 68 -1.74 -25.74 5.67
C GLN B 68 -2.68 -24.70 5.05
N ILE B 69 -2.91 -23.58 5.74
CA ILE B 69 -3.78 -22.45 5.26
C ILE B 69 -3.16 -21.89 3.98
N ALA B 70 -1.85 -21.62 4.00
CA ALA B 70 -1.04 -21.09 2.87
C ALA B 70 -1.11 -22.07 1.69
N ALA B 71 -0.99 -23.37 1.96
CA ALA B 71 -1.04 -24.46 0.96
C ALA B 71 -2.43 -24.50 0.30
N ASP B 72 -3.48 -24.43 1.10
CA ASP B 72 -4.90 -24.39 0.65
C ASP B 72 -5.16 -23.10 -0.13
N TRP B 73 -4.54 -21.99 0.30
CA TRP B 73 -4.63 -20.66 -0.35
C TRP B 73 -3.98 -20.70 -1.74
N ILE B 74 -2.76 -21.24 -1.82
CA ILE B 74 -1.98 -21.39 -3.09
C ILE B 74 -2.76 -22.30 -4.05
N ALA B 75 -3.33 -23.40 -3.53
CA ALA B 75 -4.20 -24.34 -4.27
C ALA B 75 -5.40 -23.57 -4.85
N TRP B 76 -6.03 -22.72 -4.03
CA TRP B 76 -7.22 -21.90 -4.40
C TRP B 76 -6.87 -20.98 -5.59
N LEU B 77 -5.74 -20.29 -5.53
CA LEU B 77 -5.25 -19.37 -6.59
C LEU B 77 -5.08 -20.15 -7.89
N PHE B 78 -4.46 -21.33 -7.84
CA PHE B 78 -4.16 -22.20 -9.02
C PHE B 78 -5.47 -22.61 -9.70
N PHE B 79 -6.45 -23.10 -8.93
CA PHE B 79 -7.79 -23.51 -9.43
C PHE B 79 -8.48 -22.29 -10.06
N MET B 80 -8.43 -21.13 -9.39
CA MET B 80 -9.04 -19.84 -9.84
C MET B 80 -8.36 -19.38 -11.13
N ASP B 81 -7.03 -19.37 -11.16
CA ASP B 81 -6.26 -18.89 -12.33
C ASP B 81 -6.58 -19.72 -13.57
N ASP B 82 -6.67 -21.04 -13.42
CA ASP B 82 -6.98 -21.98 -14.52
C ASP B 82 -8.35 -21.66 -15.13
N GLN B 83 -9.29 -21.16 -14.32
CA GLN B 83 -10.65 -20.74 -14.78
C GLN B 83 -10.50 -19.50 -15.67
N CYS B 84 -9.75 -18.50 -15.21
CA CYS B 84 -9.53 -17.20 -15.91
C CYS B 84 -8.69 -17.38 -17.18
N ASP B 85 -7.75 -18.34 -17.17
CA ASP B 85 -6.79 -18.48 -18.29
C ASP B 85 -7.12 -19.57 -19.30
N GLU B 86 -7.90 -20.59 -18.91
CA GLU B 86 -8.19 -21.77 -19.76
C GLU B 86 -9.69 -22.10 -19.80
N THR B 87 -10.57 -21.13 -19.51
CA THR B 87 -12.06 -21.29 -19.63
C THR B 87 -12.66 -19.98 -20.16
N GLY B 88 -13.99 -19.97 -20.35
CA GLY B 88 -14.74 -18.88 -21.00
C GLY B 88 -15.00 -17.69 -20.07
N ILE B 89 -14.89 -17.89 -18.75
CA ILE B 89 -15.15 -16.83 -17.73
C ILE B 89 -14.08 -15.72 -17.87
N GLY B 90 -12.88 -16.08 -18.35
CA GLY B 90 -11.77 -15.14 -18.59
C GLY B 90 -11.93 -14.37 -19.89
N ARG B 91 -13.02 -14.61 -20.63
CA ARG B 91 -13.42 -13.83 -21.85
C ARG B 91 -14.84 -13.29 -21.65
N ASP B 92 -15.21 -12.97 -20.41
CA ASP B 92 -16.54 -12.44 -20.03
C ASP B 92 -16.42 -11.63 -18.73
N LEU B 93 -16.43 -10.31 -18.83
CA LEU B 93 -16.26 -9.36 -17.70
C LEU B 93 -17.51 -9.36 -16.81
N GLN B 94 -18.70 -9.56 -17.40
CA GLN B 94 -20.01 -9.55 -16.71
C GLN B 94 -20.05 -10.66 -15.65
N ARG B 95 -19.70 -11.89 -16.02
CA ARG B 95 -19.71 -13.08 -15.12
C ARG B 95 -18.65 -12.91 -14.02
N MET B 96 -17.52 -12.29 -14.34
CA MET B 96 -16.36 -12.16 -13.42
C MET B 96 -16.67 -11.15 -12.31
N ILE B 97 -17.27 -9.99 -12.66
CA ILE B 97 -17.67 -8.93 -11.70
C ILE B 97 -18.69 -9.52 -10.71
N ALA B 98 -19.64 -10.33 -11.20
CA ALA B 98 -20.67 -11.03 -10.40
C ALA B 98 -19.99 -11.95 -9.37
N LEU B 99 -18.98 -12.71 -9.81
CA LEU B 99 -18.20 -13.66 -8.96
C LEU B 99 -17.33 -12.86 -7.97
N HIS B 100 -16.71 -11.77 -8.43
CA HIS B 100 -15.75 -10.95 -7.65
C HIS B 100 -16.49 -10.13 -6.57
N GLU B 101 -17.79 -9.86 -6.79
CA GLU B 101 -18.67 -9.21 -5.78
C GLU B 101 -18.86 -10.15 -4.58
N ARG B 102 -18.95 -11.47 -4.84
CA ARG B 102 -19.14 -12.51 -3.80
C ARG B 102 -17.85 -12.67 -3.00
N PHE B 103 -16.70 -12.76 -3.67
CA PHE B 103 -15.36 -12.93 -3.04
C PHE B 103 -15.09 -11.78 -2.06
N LEU B 104 -15.27 -10.54 -2.52
CA LEU B 104 -15.00 -9.30 -1.73
C LEU B 104 -15.91 -9.26 -0.51
N ALA B 105 -17.16 -9.72 -0.64
CA ALA B 105 -18.15 -9.83 0.45
C ALA B 105 -17.67 -10.86 1.48
N ILE B 106 -17.18 -12.01 1.02
CA ILE B 106 -16.63 -13.12 1.86
C ILE B 106 -15.40 -12.61 2.62
N LEU B 107 -14.58 -11.77 1.99
CA LEU B 107 -13.35 -11.18 2.60
C LEU B 107 -13.73 -10.19 3.70
N ASP B 108 -14.93 -9.57 3.60
CA ASP B 108 -15.46 -8.62 4.62
C ASP B 108 -16.11 -9.39 5.78
N GLY B 109 -16.29 -10.71 5.63
CA GLY B 109 -16.76 -11.63 6.70
C GLY B 109 -18.18 -12.13 6.46
N ALA B 110 -18.70 -12.01 5.23
CA ALA B 110 -20.05 -12.47 4.84
C ALA B 110 -20.08 -14.01 4.77
N THR B 111 -21.15 -14.61 5.29
CA THR B 111 -21.39 -16.08 5.27
C THR B 111 -21.87 -16.49 3.88
N PRO B 112 -21.31 -17.56 3.26
CA PRO B 112 -21.78 -18.03 1.96
C PRO B 112 -23.25 -18.50 2.00
N GLU B 113 -23.96 -18.34 0.87
CA GLU B 113 -25.40 -18.70 0.70
C GLU B 113 -25.52 -19.90 -0.23
N ALA B 114 -26.75 -20.34 -0.52
CA ALA B 114 -27.07 -21.53 -1.33
C ALA B 114 -26.62 -21.36 -2.78
N HIS B 115 -26.84 -20.17 -3.36
CA HIS B 115 -26.61 -19.86 -4.80
C HIS B 115 -25.11 -19.72 -5.10
N ASP B 116 -24.27 -19.52 -4.08
CA ASP B 116 -22.80 -19.32 -4.21
C ASP B 116 -22.15 -20.59 -4.79
N CYS B 117 -20.99 -20.42 -5.44
CA CYS B 117 -20.21 -21.51 -6.11
C CYS B 117 -19.13 -22.04 -5.15
N ALA B 118 -18.39 -23.07 -5.58
CA ALA B 118 -17.40 -23.83 -4.79
C ALA B 118 -16.29 -22.90 -4.28
N LEU B 119 -15.72 -22.08 -5.15
CA LEU B 119 -14.58 -21.17 -4.86
C LEU B 119 -14.96 -20.18 -3.75
N THR B 120 -16.19 -19.66 -3.77
CA THR B 120 -16.72 -18.70 -2.76
C THR B 120 -16.71 -19.36 -1.37
N TYR B 121 -17.17 -20.62 -1.28
CA TYR B 121 -17.18 -21.44 -0.04
C TYR B 121 -15.74 -21.69 0.44
N ALA B 122 -14.85 -22.03 -0.50
CA ALA B 122 -13.42 -22.33 -0.24
C ALA B 122 -12.71 -21.10 0.34
N LEU B 123 -12.94 -19.91 -0.25
CA LEU B 123 -12.34 -18.62 0.17
C LEU B 123 -12.86 -18.24 1.56
N ALA B 124 -14.14 -18.50 1.85
CA ALA B 124 -14.81 -18.24 3.14
C ALA B 124 -14.12 -19.06 4.25
N ASP B 125 -13.73 -20.30 3.94
CA ASP B 125 -13.03 -21.23 4.87
C ASP B 125 -11.64 -20.68 5.19
N LEU B 126 -10.94 -20.15 4.18
CA LEU B 126 -9.57 -19.59 4.32
C LEU B 126 -9.62 -18.32 5.18
N ARG B 127 -10.60 -17.43 4.93
CA ARG B 127 -10.78 -16.16 5.68
C ARG B 127 -11.09 -16.46 7.15
N ARG B 128 -11.96 -17.44 7.39
CA ARG B 128 -12.33 -17.92 8.76
C ARG B 128 -11.08 -18.40 9.50
N ARG B 129 -10.28 -19.25 8.85
CA ARG B 129 -9.06 -19.87 9.43
C ARG B 129 -7.96 -18.81 9.62
N LEU B 130 -7.85 -17.85 8.69
CA LEU B 130 -6.89 -16.72 8.77
C LEU B 130 -7.29 -15.77 9.91
N ALA B 131 -8.60 -15.62 10.16
CA ALA B 131 -9.18 -14.76 11.22
C ALA B 131 -8.79 -15.31 12.61
N LEU B 132 -8.57 -16.62 12.72
CA LEU B 132 -8.18 -17.31 13.99
C LEU B 132 -6.68 -17.15 14.24
N ARG B 133 -5.88 -16.88 13.20
CA ARG B 133 -4.40 -16.85 13.27
C ARG B 133 -3.86 -15.41 13.11
N ALA B 134 -4.62 -14.51 12.47
CA ALA B 134 -4.17 -13.14 12.12
C ALA B 134 -5.10 -12.10 12.73
N PRO B 135 -4.57 -10.95 13.21
CA PRO B 135 -5.39 -9.87 13.75
C PRO B 135 -6.13 -9.07 12.66
N ASP B 136 -6.91 -8.08 13.08
CA ASP B 136 -7.80 -7.25 12.21
C ASP B 136 -6.96 -6.52 11.15
N ASN B 137 -5.85 -5.89 11.55
CA ASN B 137 -5.02 -5.01 10.68
C ASN B 137 -4.41 -5.85 9.54
N TRP B 138 -4.03 -7.10 9.83
CA TRP B 138 -3.41 -8.04 8.85
C TRP B 138 -4.44 -8.44 7.79
N LEU B 139 -5.67 -8.75 8.21
CA LEU B 139 -6.77 -9.21 7.32
C LEU B 139 -7.10 -8.12 6.30
N ARG B 140 -7.11 -6.84 6.74
CA ARG B 140 -7.35 -5.65 5.88
C ARG B 140 -6.28 -5.60 4.78
N ARG B 141 -5.00 -5.67 5.17
CA ARG B 141 -3.83 -5.63 4.25
C ARG B 141 -3.90 -6.79 3.26
N PHE B 142 -4.35 -7.97 3.72
CA PHE B 142 -4.51 -9.19 2.90
C PHE B 142 -5.67 -9.01 1.91
N SER B 143 -6.82 -8.51 2.40
CA SER B 143 -8.04 -8.25 1.60
C SER B 143 -7.70 -7.34 0.40
N GLU B 144 -6.96 -6.26 0.65
CA GLU B 144 -6.58 -5.24 -0.37
C GLU B 144 -5.77 -5.90 -1.49
N HIS B 145 -4.71 -6.63 -1.12
CA HIS B 145 -3.79 -7.32 -2.07
C HIS B 145 -4.55 -8.38 -2.88
N VAL B 146 -5.54 -9.03 -2.26
CA VAL B 146 -6.43 -10.05 -2.92
C VAL B 146 -7.46 -9.30 -3.78
N ARG B 147 -7.98 -8.16 -3.30
CA ARG B 147 -8.96 -7.31 -4.03
C ARG B 147 -8.31 -6.77 -5.31
N LEU B 148 -7.04 -6.36 -5.22
CA LEU B 148 -6.26 -5.83 -6.38
C LEU B 148 -5.93 -6.97 -7.36
N TYR B 149 -5.74 -8.20 -6.85
CA TYR B 149 -5.53 -9.42 -7.66
C TYR B 149 -6.77 -9.68 -8.52
N PHE B 150 -7.96 -9.55 -7.93
CA PHE B 150 -9.27 -9.70 -8.62
C PHE B 150 -9.39 -8.63 -9.71
N THR B 151 -9.09 -7.36 -9.38
CA THR B 151 -9.11 -6.21 -10.31
C THR B 151 -8.17 -6.47 -11.49
N ALA B 152 -6.98 -7.01 -11.22
CA ALA B 152 -5.94 -7.33 -12.23
C ALA B 152 -6.44 -8.43 -13.18
N ASN B 153 -7.20 -9.40 -12.65
CA ASN B 153 -7.81 -10.51 -13.44
C ASN B 153 -8.94 -9.95 -14.32
N ARG B 154 -9.70 -8.97 -13.82
CA ARG B 154 -10.77 -8.27 -14.58
C ARG B 154 -10.14 -7.45 -15.71
N TRP B 155 -8.99 -6.83 -15.46
CA TRP B 155 -8.21 -6.03 -16.45
C TRP B 155 -7.67 -6.95 -17.55
N GLU B 156 -7.24 -8.16 -17.21
CA GLU B 156 -6.75 -9.13 -18.22
C GLU B 156 -7.95 -9.57 -19.06
N THR B 157 -9.08 -9.85 -18.41
CA THR B 157 -10.33 -10.27 -19.09
C THR B 157 -10.68 -9.25 -20.18
N VAL B 158 -10.63 -7.94 -19.87
CA VAL B 158 -10.93 -6.83 -20.80
C VAL B 158 -9.95 -6.89 -21.98
N ASN B 159 -8.66 -7.12 -21.72
CA ASN B 159 -7.59 -7.19 -22.74
C ASN B 159 -7.84 -8.37 -23.69
N ARG B 160 -8.25 -9.53 -23.15
CA ARG B 160 -8.58 -10.74 -23.93
C ARG B 160 -9.83 -10.49 -24.78
N GLN B 161 -10.87 -9.90 -24.17
CA GLN B 161 -12.21 -9.70 -24.77
C GLN B 161 -12.13 -8.69 -25.92
N ARG B 162 -11.34 -7.62 -25.76
CA ARG B 162 -11.15 -6.54 -26.76
C ARG B 162 -10.09 -6.95 -27.78
N GLY B 163 -9.26 -7.94 -27.45
CA GLY B 163 -8.14 -8.42 -28.29
C GLY B 163 -6.98 -7.44 -28.27
N ALA B 164 -6.86 -6.64 -27.20
CA ALA B 164 -5.82 -5.60 -27.01
C ALA B 164 -4.64 -6.21 -26.24
N THR B 165 -3.42 -5.73 -26.51
CA THR B 165 -2.15 -6.17 -25.89
C THR B 165 -1.45 -4.98 -25.25
N PRO B 166 -1.12 -5.03 -23.94
CA PRO B 166 -0.43 -3.93 -23.28
C PRO B 166 1.06 -3.87 -23.65
N ASN B 167 1.66 -2.69 -23.53
CA ASN B 167 3.13 -2.45 -23.72
C ASN B 167 3.88 -2.99 -22.48
N VAL B 168 5.21 -3.05 -22.56
CA VAL B 168 6.10 -3.65 -21.52
C VAL B 168 5.86 -2.93 -20.19
N ALA B 169 5.77 -1.60 -20.21
CA ALA B 169 5.60 -0.73 -19.02
C ALA B 169 4.26 -1.02 -18.33
N THR B 170 3.18 -1.17 -19.12
CA THR B 170 1.80 -1.42 -18.64
C THR B 170 1.71 -2.83 -18.04
N TYR B 171 2.22 -3.85 -18.74
CA TYR B 171 2.17 -5.26 -18.32
C TYR B 171 2.93 -5.44 -16.99
N CYS B 172 4.20 -5.02 -16.95
CA CYS B 172 5.11 -5.14 -15.78
C CYS B 172 4.48 -4.50 -14.54
N ALA B 173 3.81 -3.36 -14.70
CA ALA B 173 3.10 -2.61 -13.63
C ALA B 173 1.88 -3.42 -13.15
N ALA B 174 1.14 -4.01 -14.08
CA ALA B 174 -0.11 -4.78 -13.82
C ALA B 174 0.21 -6.20 -13.35
N ARG B 175 1.33 -6.77 -13.82
CA ARG B 175 1.74 -8.18 -13.52
C ARG B 175 2.01 -8.34 -12.02
N LEU B 176 2.40 -7.27 -11.33
CA LEU B 176 2.71 -7.23 -9.88
C LEU B 176 1.49 -7.64 -9.04
N PHE B 177 0.28 -7.52 -9.60
CA PHE B 177 -1.01 -7.75 -8.89
C PHE B 177 -1.72 -9.01 -9.43
N SER B 178 -1.47 -9.36 -10.68
CA SER B 178 -2.11 -10.53 -11.38
C SER B 178 -1.66 -11.86 -10.79
N GLY B 179 -0.58 -11.84 -10.03
CA GLY B 179 0.01 -13.03 -9.38
C GLY B 179 -0.49 -13.25 -7.96
N ALA B 180 -1.04 -12.21 -7.31
CA ALA B 180 -1.42 -12.22 -5.88
C ALA B 180 -0.18 -12.48 -5.01
N VAL B 181 0.98 -11.98 -5.44
CA VAL B 181 2.30 -12.22 -4.79
C VAL B 181 2.36 -11.43 -3.48
N TYR B 182 1.81 -10.21 -3.46
CA TYR B 182 1.76 -9.33 -2.25
C TYR B 182 0.90 -9.99 -1.18
N ALA B 183 -0.21 -10.62 -1.58
CA ALA B 183 -1.11 -11.42 -0.70
C ALA B 183 -0.33 -12.60 -0.12
N CYS B 184 0.45 -13.30 -0.95
CA CYS B 184 1.32 -14.45 -0.56
C CYS B 184 2.45 -13.95 0.36
N PHE B 185 2.97 -12.74 0.12
CA PHE B 185 4.06 -12.11 0.91
C PHE B 185 3.55 -11.74 2.32
N ASP B 186 2.25 -11.43 2.44
CA ASP B 186 1.61 -11.06 3.74
C ASP B 186 1.69 -12.26 4.69
N LEU B 187 1.48 -13.48 4.18
CA LEU B 187 1.46 -14.75 4.97
C LEU B 187 2.83 -15.02 5.61
N ILE B 188 3.91 -14.41 5.10
CA ILE B 188 5.29 -14.54 5.65
C ILE B 188 5.28 -14.08 7.12
N GLU B 189 4.51 -13.03 7.43
CA GLU B 189 4.37 -12.46 8.79
C GLU B 189 3.80 -13.51 9.75
N LEU B 190 2.76 -14.22 9.32
CA LEU B 190 2.08 -15.28 10.10
C LEU B 190 2.98 -16.52 10.18
N ALA B 191 3.68 -16.84 9.08
CA ALA B 191 4.63 -17.98 8.96
C ALA B 191 5.81 -17.79 9.92
N GLU B 192 6.35 -16.57 9.98
CA GLU B 192 7.54 -16.20 10.80
C GLU B 192 7.11 -15.70 12.18
N GLN B 193 5.80 -15.50 12.40
CA GLN B 193 5.21 -15.03 13.69
C GLN B 193 5.92 -13.75 14.14
N ILE B 194 5.92 -12.73 13.28
CA ILE B 194 6.59 -11.41 13.51
C ILE B 194 5.53 -10.31 13.47
N GLU B 195 5.74 -9.25 14.26
CA GLU B 195 4.89 -8.02 14.29
C GLU B 195 5.76 -6.84 13.86
N LEU B 196 5.83 -6.59 12.55
CA LEU B 196 6.56 -5.43 11.96
C LEU B 196 5.75 -4.15 12.18
N PRO B 197 6.34 -3.10 12.78
CA PRO B 197 5.64 -1.83 12.96
C PRO B 197 5.36 -1.16 11.61
N PHE B 198 4.22 -0.46 11.52
CA PHE B 198 3.71 0.27 10.32
C PHE B 198 4.85 0.90 9.53
N TYR B 199 5.77 1.61 10.21
CA TYR B 199 6.84 2.44 9.59
C TYR B 199 7.88 1.54 8.90
N ALA B 200 8.13 0.35 9.47
CA ALA B 200 9.08 -0.66 8.94
C ALA B 200 8.40 -1.46 7.81
N ARG B 201 7.16 -1.89 8.03
CA ARG B 201 6.37 -2.75 7.11
C ARG B 201 6.20 -2.04 5.75
N HIS B 202 5.90 -0.74 5.76
CA HIS B 202 5.53 0.06 4.56
C HIS B 202 6.68 0.96 4.12
N HIS B 203 7.90 0.74 4.62
CA HIS B 203 9.13 1.50 4.27
C HIS B 203 9.43 1.32 2.77
N SER B 204 9.93 2.37 2.11
CA SER B 204 10.17 2.44 0.65
C SER B 204 11.14 1.33 0.21
N ILE B 205 12.25 1.15 0.94
CA ILE B 205 13.29 0.12 0.66
C ILE B 205 12.65 -1.28 0.75
N VAL B 206 11.76 -1.50 1.72
CA VAL B 206 11.01 -2.77 1.92
C VAL B 206 10.03 -2.96 0.75
N GLN B 207 9.29 -1.90 0.40
CA GLN B 207 8.37 -1.88 -0.76
C GLN B 207 9.13 -2.22 -2.05
N GLN B 208 10.34 -1.67 -2.20
CA GLN B 208 11.22 -1.87 -3.39
C GLN B 208 11.71 -3.33 -3.42
N LEU B 209 12.07 -3.89 -2.26
CA LEU B 209 12.49 -5.31 -2.12
C LEU B 209 11.33 -6.24 -2.52
N GLU B 210 10.11 -5.90 -2.12
CA GLU B 210 8.88 -6.70 -2.39
C GLU B 210 8.61 -6.73 -3.91
N GLN B 211 8.50 -5.57 -4.55
CA GLN B 211 8.19 -5.46 -6.01
C GLN B 211 9.37 -6.00 -6.84
N ALA B 212 10.60 -5.95 -6.29
CA ALA B 212 11.80 -6.57 -6.89
C ALA B 212 11.66 -8.10 -6.87
N ALA B 213 11.30 -8.66 -5.71
CA ALA B 213 11.04 -10.11 -5.50
C ALA B 213 9.83 -10.54 -6.34
N ASN B 214 8.79 -9.70 -6.40
CA ASN B 214 7.54 -9.94 -7.17
C ASN B 214 7.88 -10.06 -8.66
N ASN B 215 8.67 -9.13 -9.19
CA ASN B 215 9.10 -9.08 -10.61
C ASN B 215 9.88 -10.36 -10.95
N ILE B 216 10.85 -10.73 -10.11
CA ILE B 216 11.72 -11.95 -10.29
C ILE B 216 10.81 -13.17 -10.42
N ILE B 217 9.89 -13.36 -9.46
CA ILE B 217 8.97 -14.53 -9.38
C ILE B 217 8.11 -14.59 -10.64
N CYS B 218 7.48 -13.47 -11.01
CA CYS B 218 6.51 -13.35 -12.13
C CYS B 218 7.22 -13.49 -13.49
N TRP B 219 8.38 -12.86 -13.65
CA TRP B 219 9.18 -12.90 -14.91
C TRP B 219 9.81 -14.28 -15.07
N CYS B 220 10.17 -14.94 -13.98
CA CYS B 220 10.65 -16.36 -13.95
C CYS B 220 9.52 -17.28 -14.42
N ASN B 221 8.31 -17.10 -13.87
CA ASN B 221 7.10 -17.88 -14.23
C ASN B 221 6.79 -17.70 -15.72
N ASP B 222 6.84 -16.46 -16.21
CA ASP B 222 6.50 -16.08 -17.61
C ASP B 222 7.43 -16.84 -18.59
N VAL B 223 8.72 -16.93 -18.26
CA VAL B 223 9.75 -17.64 -19.08
C VAL B 223 9.40 -19.13 -19.17
N LEU B 224 8.82 -19.71 -18.11
CA LEU B 224 8.54 -21.18 -18.02
C LEU B 224 7.12 -21.49 -18.51
N SER B 225 6.24 -20.49 -18.59
CA SER B 225 4.78 -20.67 -18.82
C SER B 225 4.30 -20.04 -20.14
N TYR B 226 5.21 -19.48 -20.96
CA TYR B 226 4.86 -18.88 -22.28
C TYR B 226 4.38 -19.96 -23.24
N PRO B 227 4.93 -21.20 -23.24
CA PRO B 227 4.47 -22.24 -24.16
C PRO B 227 2.98 -22.56 -24.03
N LYS B 228 2.51 -22.83 -22.81
CA LYS B 228 1.11 -23.26 -22.51
C LYS B 228 0.17 -22.05 -22.60
N GLU B 229 0.68 -20.84 -22.39
CA GLU B 229 -0.11 -19.57 -22.48
C GLU B 229 -0.25 -19.15 -23.95
N MET B 230 0.72 -19.49 -24.80
CA MET B 230 0.66 -19.29 -26.27
C MET B 230 -0.45 -20.15 -26.87
N GLN B 231 -0.62 -21.38 -26.36
CA GLN B 231 -1.60 -22.38 -26.86
C GLN B 231 -3.03 -21.86 -26.69
N HIS B 232 -3.30 -21.07 -25.65
CA HIS B 232 -4.63 -20.50 -25.32
C HIS B 232 -4.77 -19.08 -25.92
N GLY B 233 -3.82 -18.66 -26.76
CA GLY B 233 -3.80 -17.33 -27.42
C GLY B 233 -3.82 -16.19 -26.42
N ASP B 234 -3.15 -16.38 -25.28
CA ASP B 234 -3.06 -15.40 -24.16
C ASP B 234 -1.66 -14.78 -24.16
N ARG B 235 -1.56 -13.46 -24.34
CA ARG B 235 -0.26 -12.72 -24.43
C ARG B 235 -0.04 -11.89 -23.16
N HIS B 236 -0.56 -12.34 -22.02
CA HIS B 236 -0.25 -11.81 -20.66
C HIS B 236 0.99 -12.53 -20.14
N ASN B 237 2.16 -12.18 -20.71
CA ASN B 237 3.46 -12.87 -20.49
C ASN B 237 4.58 -11.94 -21.00
N LEU B 238 5.58 -11.64 -20.15
CA LEU B 238 6.68 -10.68 -20.46
C LEU B 238 7.34 -11.05 -21.79
N VAL B 239 7.54 -12.34 -22.05
CA VAL B 239 8.20 -12.86 -23.29
C VAL B 239 7.35 -12.44 -24.50
N LEU B 240 6.03 -12.69 -24.44
CA LEU B 240 5.08 -12.45 -25.56
C LEU B 240 4.83 -10.94 -25.73
N VAL B 241 4.82 -10.18 -24.62
CA VAL B 241 4.60 -8.70 -24.61
C VAL B 241 5.83 -8.02 -25.23
N ILE B 242 7.04 -8.45 -24.86
CA ILE B 242 8.33 -7.93 -25.42
C ILE B 242 8.37 -8.24 -26.92
N GLN B 243 7.96 -9.45 -27.33
CA GLN B 243 7.91 -9.88 -28.75
C GLN B 243 6.98 -8.96 -29.53
N GLY B 244 5.80 -8.64 -28.96
CA GLY B 244 4.78 -7.77 -29.58
C GLY B 244 5.26 -6.34 -29.75
N GLU B 245 5.88 -5.77 -28.71
CA GLU B 245 6.37 -4.36 -28.66
C GLU B 245 7.55 -4.19 -29.64
N HIS B 246 8.52 -5.10 -29.59
CA HIS B 246 9.81 -5.02 -30.36
C HIS B 246 9.66 -5.65 -31.75
N GLN B 247 8.65 -6.52 -31.95
CA GLN B 247 8.43 -7.30 -33.20
C GLN B 247 9.72 -8.06 -33.55
N CYS B 248 10.28 -8.77 -32.57
CA CYS B 248 11.52 -9.58 -32.69
C CYS B 248 11.14 -11.07 -32.70
N SER B 249 12.13 -11.96 -32.75
CA SER B 249 11.96 -13.44 -32.72
C SER B 249 11.69 -13.90 -31.28
N LEU B 250 11.20 -15.13 -31.11
CA LEU B 250 10.82 -15.72 -29.79
C LEU B 250 12.07 -15.98 -28.95
N PRO B 251 13.18 -16.48 -29.52
CA PRO B 251 14.44 -16.59 -28.78
C PRO B 251 14.97 -15.25 -28.26
N GLU B 252 14.87 -14.18 -29.07
CA GLU B 252 15.33 -12.81 -28.74
C GLU B 252 14.51 -12.27 -27.56
N ALA B 253 13.19 -12.49 -27.56
CA ALA B 253 12.25 -12.04 -26.50
C ALA B 253 12.61 -12.71 -25.16
N ILE B 254 12.85 -14.03 -25.19
CA ILE B 254 13.27 -14.85 -24.02
C ILE B 254 14.58 -14.29 -23.45
N ASP B 255 15.54 -13.96 -24.32
CA ASP B 255 16.86 -13.38 -23.96
C ASP B 255 16.63 -12.04 -23.23
N ARG B 256 15.77 -11.18 -23.80
CA ARG B 256 15.44 -9.84 -23.26
C ARG B 256 14.69 -10.01 -21.92
N ALA B 257 13.83 -11.01 -21.81
CA ALA B 257 13.02 -11.32 -20.60
C ALA B 257 13.95 -11.79 -19.46
N LEU B 258 14.95 -12.62 -19.77
CA LEU B 258 15.92 -13.16 -18.78
C LEU B 258 16.93 -12.07 -18.38
N ASP B 259 17.20 -11.11 -19.27
CA ASP B 259 18.05 -9.92 -18.98
C ASP B 259 17.39 -9.10 -17.86
N LEU B 260 16.09 -8.83 -17.99
CA LEU B 260 15.28 -8.09 -16.98
C LEU B 260 15.27 -8.86 -15.65
N HIS B 261 15.02 -10.17 -15.72
CA HIS B 261 15.05 -11.11 -14.56
C HIS B 261 16.39 -10.99 -13.83
N ALA B 262 17.50 -11.08 -14.57
CA ALA B 262 18.89 -11.08 -14.06
C ALA B 262 19.19 -9.76 -13.35
N ARG B 263 18.82 -8.63 -13.96
CA ARG B 263 19.07 -7.27 -13.43
C ARG B 263 18.19 -7.03 -12.19
N GLU B 264 17.01 -7.64 -12.13
CA GLU B 264 16.05 -7.52 -11.00
C GLU B 264 16.61 -8.27 -9.77
N VAL B 265 17.26 -9.41 -9.99
CA VAL B 265 17.99 -10.19 -8.93
C VAL B 265 19.12 -9.31 -8.38
N ALA B 266 19.88 -8.66 -9.27
CA ALA B 266 20.99 -7.73 -8.93
C ALA B 266 20.46 -6.55 -8.12
N THR B 267 19.28 -6.03 -8.47
CA THR B 267 18.59 -4.91 -7.77
C THR B 267 18.22 -5.37 -6.35
N PHE B 268 17.53 -6.51 -6.21
CA PHE B 268 17.06 -7.07 -4.93
C PHE B 268 18.23 -7.18 -3.94
N VAL B 269 19.36 -7.70 -4.39
CA VAL B 269 20.61 -7.88 -3.57
C VAL B 269 21.13 -6.50 -3.13
N ARG B 270 21.10 -5.51 -4.03
CA ARG B 270 21.59 -4.13 -3.76
C ARG B 270 20.66 -3.45 -2.75
N LYS B 271 19.34 -3.58 -2.94
CA LYS B 271 18.30 -2.97 -2.08
C LYS B 271 18.37 -3.58 -0.67
N ARG B 272 18.74 -4.85 -0.56
CA ARG B 272 18.76 -5.64 0.71
C ARG B 272 19.77 -5.01 1.69
N THR B 273 20.84 -4.39 1.17
CA THR B 273 21.95 -3.78 1.95
C THR B 273 21.66 -2.31 2.25
N CYS B 274 20.53 -1.77 1.79
CA CYS B 274 20.16 -0.32 1.91
C CYS B 274 19.08 -0.12 3.00
N VAL B 275 18.71 -1.18 3.72
CA VAL B 275 17.68 -1.12 4.81
C VAL B 275 18.30 -0.35 5.99
N PRO B 276 17.69 0.76 6.44
CA PRO B 276 18.24 1.55 7.55
C PRO B 276 18.04 0.83 8.90
N TYR B 277 18.88 1.18 9.89
CA TYR B 277 18.85 0.62 11.26
C TYR B 277 17.81 1.37 12.10
N PHE B 278 16.67 0.73 12.37
CA PHE B 278 15.58 1.24 13.24
C PHE B 278 15.94 0.92 14.70
N ASP B 279 15.93 -0.36 15.07
CA ASP B 279 16.40 -0.89 16.38
C ASP B 279 16.57 -2.41 16.26
N ALA B 280 17.29 -3.02 17.20
CA ALA B 280 17.68 -4.45 17.20
C ALA B 280 16.47 -5.34 16.91
N ALA B 281 15.36 -5.13 17.63
CA ALA B 281 14.14 -5.97 17.60
C ALA B 281 13.46 -5.89 16.23
N VAL B 282 13.27 -4.67 15.71
CA VAL B 282 12.52 -4.41 14.44
C VAL B 282 13.35 -4.92 13.25
N ASN B 283 14.66 -4.67 13.25
CA ASN B 283 15.61 -5.11 12.18
C ASN B 283 15.64 -6.65 12.13
N THR B 284 15.60 -7.31 13.29
CA THR B 284 15.57 -8.79 13.43
C THR B 284 14.29 -9.33 12.76
N ALA B 285 13.13 -8.75 13.09
CA ALA B 285 11.81 -9.11 12.53
C ALA B 285 11.81 -8.87 11.01
N LEU B 286 12.41 -7.75 10.57
CA LEU B 286 12.49 -7.34 9.15
C LEU B 286 13.45 -8.27 8.40
N GLU B 287 14.54 -8.69 9.07
CA GLU B 287 15.53 -9.69 8.58
C GLU B 287 14.79 -10.99 8.22
N LYS B 288 13.85 -11.42 9.07
CA LYS B 288 13.07 -12.68 8.89
C LYS B 288 12.10 -12.53 7.72
N TYR B 289 11.54 -11.35 7.51
CA TYR B 289 10.58 -11.05 6.40
C TYR B 289 11.32 -11.08 5.05
N VAL B 290 12.46 -10.37 4.97
CA VAL B 290 13.28 -10.23 3.74
C VAL B 290 13.82 -11.63 3.36
N THR B 291 14.22 -12.43 4.34
CA THR B 291 14.63 -13.84 4.16
C THR B 291 13.44 -14.64 3.57
N GLY B 292 12.23 -14.34 4.03
CA GLY B 292 10.97 -14.93 3.52
C GLY B 292 10.78 -14.65 2.03
N LEU B 293 11.13 -13.44 1.58
CA LEU B 293 11.05 -13.04 0.14
C LEU B 293 12.05 -13.88 -0.68
N GLN B 294 13.26 -14.11 -0.13
CA GLN B 294 14.32 -14.94 -0.75
C GLN B 294 13.85 -16.39 -0.87
N PHE B 295 13.20 -16.92 0.18
CA PHE B 295 12.61 -18.29 0.21
C PHE B 295 11.56 -18.42 -0.91
N TRP B 296 10.73 -17.39 -1.09
CA TRP B 296 9.64 -17.35 -2.10
C TRP B 296 10.23 -17.35 -3.51
N ILE B 297 11.25 -16.50 -3.74
CA ILE B 297 11.98 -16.41 -5.05
C ILE B 297 12.45 -17.80 -5.46
N CYS B 298 13.11 -18.52 -4.55
CA CYS B 298 13.66 -19.89 -4.76
C CYS B 298 12.53 -20.91 -4.87
N ALA B 299 11.52 -20.81 -4.00
CA ALA B 299 10.34 -21.72 -3.95
C ALA B 299 9.66 -21.75 -5.32
N ASN B 300 9.36 -20.58 -5.89
CA ASN B 300 8.71 -20.41 -7.22
C ASN B 300 9.56 -21.11 -8.30
N ARG B 301 10.88 -20.87 -8.29
CA ARG B 301 11.85 -21.41 -9.28
C ARG B 301 11.96 -22.94 -9.09
N ASP B 302 12.36 -23.37 -7.89
CA ASP B 302 12.64 -24.80 -7.54
C ASP B 302 11.40 -25.66 -7.85
N TRP B 303 10.20 -25.18 -7.50
CA TRP B 303 8.92 -25.92 -7.66
C TRP B 303 8.52 -26.02 -9.13
N SER B 304 8.58 -24.91 -9.87
CA SER B 304 8.10 -24.78 -11.27
C SER B 304 8.91 -25.70 -12.20
N LEU B 305 10.22 -25.81 -11.96
CA LEU B 305 11.13 -26.75 -12.69
C LEU B 305 10.78 -28.20 -12.30
N THR B 306 10.41 -28.41 -11.04
CA THR B 306 10.03 -29.73 -10.46
C THR B 306 8.63 -30.15 -10.94
N ALA B 307 7.68 -29.21 -10.99
CA ALA B 307 6.24 -29.45 -11.22
C ALA B 307 5.99 -29.89 -12.67
N THR B 308 4.84 -30.53 -12.91
CA THR B 308 4.39 -31.02 -14.24
C THR B 308 3.58 -29.94 -14.96
N ARG B 309 3.17 -28.90 -14.22
CA ARG B 309 2.30 -27.78 -14.72
C ARG B 309 2.92 -27.15 -15.97
N TYR B 310 4.25 -26.99 -15.99
CA TYR B 310 5.02 -26.31 -17.06
C TYR B 310 5.80 -27.34 -17.87
N ALA B 311 5.09 -28.21 -18.59
CA ALA B 311 5.65 -29.29 -19.43
C ALA B 311 4.63 -29.73 -20.50
MG MG C . 0.89 19.12 16.51
MG MG D . 5.01 19.66 13.67
MG MG E . 1.16 15.38 15.49
C1 FPS F . 0.61 18.00 10.51
S1 FPS F . 0.95 16.90 11.92
C2 FPS F . 1.53 17.74 9.38
C3 FPS F . 1.14 17.50 8.13
C4 FPS F . 0.26 16.35 7.75
C5 FPS F . 1.54 18.40 7.00
C6 FPS F . 0.36 18.87 6.18
C7 FPS F . -0.63 19.65 7.00
C8 FPS F . -1.86 19.30 7.34
C10 FPS F . -2.41 19.61 8.69
C9 FPS F . -2.80 18.58 6.42
C11 FPS F . -3.68 18.84 9.02
C12 FPS F . -3.39 17.48 9.59
C13 FPS F . -2.73 17.19 10.71
C14 FPS F . -2.09 18.23 11.57
C15 FPS F . -2.56 15.78 11.19
PA FPS F . 2.04 18.05 13.27
O1A FPS F . 1.90 17.46 14.62
O2A FPS F . 3.43 18.32 12.84
O3A FPS F . 1.26 19.45 13.27
PB FPS F . 1.62 20.93 13.78
O1B FPS F . 3.10 21.14 13.54
O2B FPS F . 1.25 20.97 15.22
O3B FPS F . 0.78 21.84 12.94
C1 GOL G . 2.55 4.61 -0.77
O1 GOL G . 1.56 5.63 -0.87
C2 GOL G . 2.20 3.58 0.28
O2 GOL G . 3.18 3.59 1.31
C3 GOL G . 0.82 3.75 0.88
O3 GOL G . 0.50 2.70 1.78
C CO3 H . -6.95 -1.29 17.17
O1 CO3 H . -7.60 -1.65 16.15
O2 CO3 H . -6.85 -0.06 17.46
O3 CO3 H . -6.41 -2.16 17.92
S SO4 I . 9.40 12.34 23.85
O1 SO4 I . 9.44 13.21 22.70
O2 SO4 I . 10.61 12.45 24.60
O3 SO4 I . 8.28 12.69 24.67
O4 SO4 I . 9.25 10.98 23.40
MG MG J . -2.03 -19.51 -15.98
MG MG K . 2.74 -17.24 -16.49
MG MG L . -3.09 -15.55 -14.59
C1 FPS M . 1.13 -17.30 -11.65
S1 FPS M . -0.19 -16.39 -12.50
C2 FPS M . 2.15 -16.39 -11.07
C3 FPS M . 2.33 -16.23 -9.77
C4 FPS M . 1.21 -16.33 -8.77
C5 FPS M . 3.68 -15.91 -9.18
C6 FPS M . 3.78 -16.24 -7.71
C7 FPS M . 3.57 -17.69 -7.43
C8 FPS M . 2.44 -18.31 -7.11
C10 FPS M . 1.74 -19.22 -8.07
C9 FPS M . 1.75 -18.15 -5.78
C11 FPS M . 0.30 -19.51 -7.66
C12 FPS M . -0.60 -18.35 -7.87
C13 FPS M . -1.57 -18.20 -8.76
C14 FPS M . -2.15 -19.37 -9.52
C15 FPS M . -2.18 -16.88 -9.11
PA FPS M . -0.29 -17.35 -14.34
O1A FPS M . -1.63 -17.18 -14.98
O2A FPS M . 0.89 -17.00 -15.17
O3A FPS M . -0.18 -18.90 -13.95
PB FPS M . 0.70 -20.09 -14.58
O1B FPS M . 1.93 -19.43 -15.14
O2B FPS M . -0.18 -20.70 -15.65
O3B FPS M . 1.00 -21.03 -13.46
S SO4 N . 3.22 -2.63 -2.27
O1 SO4 N . 4.50 -2.28 -2.83
O2 SO4 N . 2.79 -1.59 -1.38
O3 SO4 N . 2.27 -2.79 -3.34
O4 SO4 N . 3.34 -3.86 -1.54
S SO4 O . -16.81 -4.36 -8.26
O1 SO4 O . -16.13 -3.53 -9.22
O2 SO4 O . -16.10 -4.31 -7.01
O3 SO4 O . -18.14 -3.87 -8.07
O4 SO4 O . -16.85 -5.72 -8.73
C1 EDO P . -3.67 -30.77 8.47
O1 EDO P . -4.12 -32.11 8.42
C2 EDO P . -2.26 -30.64 8.92
O2 EDO P . -2.04 -29.50 9.74
#